data_5B0P
#
_entry.id   5B0P
#
_cell.length_a   146.559
_cell.length_b   146.559
_cell.length_c   106.324
_cell.angle_alpha   90.00
_cell.angle_beta   90.00
_cell.angle_gamma   120.00
#
_symmetry.space_group_name_H-M   'P 31 2 1'
#
loop_
_entity.id
_entity.type
_entity.pdbx_description
1 polymer 'Lin0857 protein'
2 non-polymer 'SULFATE ION'
3 non-polymer GLYCEROL
4 non-polymer '2-(N-MORPHOLINO)-ETHANESULFONIC ACID'
5 water water
#
_entity_poly.entity_id   1
_entity_poly.type   'polypeptide(L)'
_entity_poly.pdbx_seq_one_letter_code
;MNIYRYEENPLITPLDVKPIHEGFEVIGAFNGGVAEYNGEVLLLLRVAEKPVSEDPEIVLAPVYNAKNKELELQSFRLDD
ENYDFEDPRMIRSKAKLEGFSYLTSLSYIRIARSKDGHHFTLDEKPFLYPFNEYQTFGIEDARVTQIGDTYHVNFSAVSE
FGVADALVTTKDFENLEYQGNIFAPENKDVLIFPEKINGKYYALHRPSLKSIGNLDIWIASSPDLRSFGDHRHLLGIRPG
EYDSGRVGGGCVPIKTEEGWLILYHGATEENRYVMGAALLDLNDPTIVLKRTKTPILEPVADYEKNGFFGDVVFACGAIQ
EGDTLHMYYGVADTSMAGCDMKISEILHQLEVEAKLEHHHHHH
;
_entity_poly.pdbx_strand_id   A,B
#
loop_
_chem_comp.id
_chem_comp.type
_chem_comp.name
_chem_comp.formula
GOL non-polymer GLYCEROL 'C3 H8 O3'
MES non-polymer '2-(N-MORPHOLINO)-ETHANESULFONIC ACID' 'C6 H13 N O4 S'
SO4 non-polymer 'SULFATE ION' 'O4 S -2'
#
# COMPACT_ATOMS: atom_id res chain seq x y z
N MET A 1 9.49 -36.04 -1.20
CA MET A 1 9.91 -35.85 -2.61
C MET A 1 11.42 -35.68 -2.62
N ASN A 2 11.99 -35.61 -3.82
CA ASN A 2 13.48 -35.57 -3.89
C ASN A 2 13.96 -34.17 -3.36
N ILE A 3 14.25 -34.00 -2.07
CA ILE A 3 15.05 -32.74 -1.71
C ILE A 3 16.59 -32.97 -1.49
N TYR A 4 17.35 -32.57 -2.48
CA TYR A 4 18.80 -32.63 -2.40
C TYR A 4 19.36 -31.33 -1.78
N ARG A 5 19.49 -31.34 -0.49
CA ARG A 5 20.24 -30.34 0.20
C ARG A 5 21.73 -30.48 -0.08
N TYR A 6 22.33 -29.42 -0.56
CA TYR A 6 23.77 -29.46 -0.91
C TYR A 6 24.65 -29.78 0.25
N GLU A 7 25.69 -30.60 -0.01
CA GLU A 7 26.63 -30.96 1.02
C GLU A 7 27.38 -29.81 1.64
N GLU A 8 27.53 -28.79 0.89
CA GLU A 8 28.24 -27.58 1.34
C GLU A 8 27.33 -26.62 2.17
N ASN A 9 26.07 -26.98 2.37
CA ASN A 9 25.20 -26.10 3.14
C ASN A 9 25.66 -25.97 4.56
N PRO A 10 25.56 -24.81 5.18
CA PRO A 10 25.18 -23.54 4.52
C PRO A 10 26.31 -23.05 3.60
N LEU A 11 25.95 -22.60 2.42
CA LEU A 11 26.87 -22.22 1.38
C LEU A 11 27.61 -20.95 1.76
N ILE A 12 26.90 -20.00 2.39
CA ILE A 12 27.50 -18.65 2.71
C ILE A 12 26.93 -18.26 4.04
N THR A 13 27.78 -17.96 5.00
CA THR A 13 27.35 -17.62 6.37
C THR A 13 27.93 -16.21 6.72
N PRO A 14 27.58 -15.69 7.88
CA PRO A 14 28.20 -14.42 8.29
C PRO A 14 29.72 -14.50 8.45
N LEU A 15 30.21 -15.67 8.80
CA LEU A 15 31.63 -15.93 8.88
C LEU A 15 32.35 -15.74 7.56
N ASP A 16 31.68 -15.87 6.41
CA ASP A 16 32.27 -15.66 5.15
C ASP A 16 32.30 -14.22 4.70
N VAL A 17 31.75 -13.28 5.47
CA VAL A 17 31.55 -11.91 5.02
C VAL A 17 32.03 -10.92 6.03
N LYS A 18 32.89 -10.02 5.55
CA LYS A 18 33.48 -9.04 6.45
C LYS A 18 32.60 -7.80 6.43
N PRO A 19 32.42 -7.17 7.58
CA PRO A 19 31.55 -6.01 7.63
C PRO A 19 32.11 -4.82 6.92
N ILE A 20 31.28 -4.00 6.37
CA ILE A 20 31.72 -2.75 5.74
C ILE A 20 31.65 -1.52 6.64
N HIS A 21 30.95 -1.59 7.76
CA HIS A 21 30.91 -0.47 8.67
C HIS A 21 31.76 -0.79 9.83
N GLU A 22 32.65 0.13 10.19
CA GLU A 22 33.39 0.02 11.39
C GLU A 22 32.47 -0.02 12.64
N GLY A 23 32.74 -0.90 13.55
CA GLY A 23 31.92 -0.99 14.78
C GLY A 23 30.67 -1.86 14.58
N PHE A 24 30.66 -2.65 13.44
CA PHE A 24 29.43 -3.48 13.10
C PHE A 24 29.83 -4.92 12.91
N GLU A 25 28.88 -5.81 13.10
CA GLU A 25 29.12 -7.21 12.81
C GLU A 25 28.06 -7.70 11.81
N VAL A 26 28.47 -8.60 10.95
CA VAL A 26 27.59 -9.19 10.00
C VAL A 26 26.74 -10.20 10.73
N ILE A 27 25.42 -10.01 10.78
CA ILE A 27 24.52 -10.99 11.41
C ILE A 27 23.78 -11.90 10.42
N GLY A 28 23.88 -11.58 9.15
CA GLY A 28 23.32 -12.38 8.11
C GLY A 28 23.76 -12.07 6.73
N ALA A 29 23.79 -13.13 5.93
CA ALA A 29 23.98 -13.07 4.51
C ALA A 29 22.95 -14.04 3.95
N PHE A 30 21.80 -13.51 3.49
CA PHE A 30 20.65 -14.35 3.32
C PHE A 30 19.74 -13.86 2.26
N ASN A 31 18.62 -14.54 2.07
CA ASN A 31 17.54 -14.18 1.20
C ASN A 31 18.01 -13.70 -0.17
N GLY A 32 19.00 -14.37 -0.70
CA GLY A 32 19.59 -13.95 -2.01
C GLY A 32 18.70 -14.06 -3.20
N GLY A 33 18.63 -12.99 -4.04
CA GLY A 33 18.03 -13.07 -5.30
C GLY A 33 18.98 -13.88 -6.24
N VAL A 34 18.41 -14.40 -7.31
CA VAL A 34 19.11 -15.45 -8.08
C VAL A 34 19.07 -15.12 -9.54
N ALA A 35 20.26 -15.13 -10.15
CA ALA A 35 20.35 -14.88 -11.57
C ALA A 35 21.48 -15.79 -12.17
N GLU A 36 21.36 -15.92 -13.49
CA GLU A 36 22.50 -16.43 -14.35
C GLU A 36 23.01 -15.33 -15.20
N TYR A 37 24.32 -15.16 -15.15
CA TYR A 37 24.95 -14.17 -15.92
C TYR A 37 26.38 -14.57 -16.30
N ASN A 38 26.64 -14.37 -17.60
CA ASN A 38 27.99 -14.70 -18.15
C ASN A 38 28.54 -16.05 -17.69
N GLY A 39 27.70 -17.07 -17.72
CA GLY A 39 28.14 -18.41 -17.29
C GLY A 39 28.20 -18.69 -15.80
N GLU A 40 27.71 -17.80 -14.89
CA GLU A 40 27.89 -18.04 -13.47
C GLU A 40 26.45 -17.84 -12.85
N VAL A 41 26.30 -18.52 -11.73
CA VAL A 41 25.13 -18.25 -10.83
C VAL A 41 25.53 -17.03 -9.97
N LEU A 42 24.63 -16.03 -9.93
CA LEU A 42 24.77 -14.87 -9.06
C LEU A 42 23.69 -14.98 -7.91
N LEU A 43 24.14 -14.77 -6.71
CA LEU A 43 23.24 -14.57 -5.56
C LEU A 43 23.39 -13.11 -5.12
N LEU A 44 22.25 -12.40 -5.09
CA LEU A 44 22.21 -11.02 -4.62
C LEU A 44 21.91 -11.08 -3.16
N LEU A 45 22.94 -11.29 -2.39
CA LEU A 45 22.85 -11.53 -0.94
C LEU A 45 22.35 -10.28 -0.23
N ARG A 46 21.42 -10.49 0.69
CA ARG A 46 21.10 -9.46 1.67
C ARG A 46 22.12 -9.66 2.78
N VAL A 47 22.96 -8.64 3.02
CA VAL A 47 23.93 -8.65 4.08
C VAL A 47 23.43 -7.65 5.13
N ALA A 48 23.20 -8.17 6.32
CA ALA A 48 22.67 -7.40 7.46
C ALA A 48 23.79 -7.17 8.45
N GLU A 49 24.00 -5.90 8.78
CA GLU A 49 25.07 -5.55 9.70
C GLU A 49 24.46 -4.86 10.90
N LYS A 50 24.88 -5.27 12.07
CA LYS A 50 24.40 -4.79 13.34
C LYS A 50 25.49 -3.95 14.09
N PRO A 51 25.14 -2.79 14.56
CA PRO A 51 26.11 -2.00 15.34
C PRO A 51 26.20 -2.65 16.72
N VAL A 52 27.44 -2.83 17.17
CA VAL A 52 27.77 -3.52 18.37
C VAL A 52 27.95 -2.49 19.48
N SER A 53 27.47 -2.83 20.64
CA SER A 53 27.66 -1.98 21.83
C SER A 53 28.39 -2.84 22.87
N GLU A 54 29.39 -2.35 23.55
CA GLU A 54 30.02 -3.14 24.65
C GLU A 54 29.13 -3.24 25.89
N ASP A 55 28.20 -2.29 26.09
CA ASP A 55 27.37 -2.35 27.28
C ASP A 55 26.13 -3.21 26.95
N PRO A 56 25.92 -4.32 27.68
CA PRO A 56 24.74 -5.17 27.39
C PRO A 56 23.41 -4.53 27.68
N GLU A 57 23.42 -3.45 28.42
CA GLU A 57 22.19 -2.72 28.74
C GLU A 57 21.63 -1.84 27.64
N ILE A 58 22.42 -1.62 26.61
CA ILE A 58 22.12 -0.63 25.55
C ILE A 58 22.17 -1.36 24.20
N VAL A 59 21.24 -1.06 23.29
CA VAL A 59 21.30 -1.49 21.90
C VAL A 59 21.22 -0.28 21.01
N LEU A 60 21.66 -0.49 19.77
CA LEU A 60 21.79 0.55 18.81
C LEU A 60 20.99 0.21 17.55
N ALA A 61 20.36 1.25 16.95
CA ALA A 61 19.70 1.13 15.65
C ALA A 61 20.47 1.92 14.62
N PRO A 62 20.81 1.32 13.49
CA PRO A 62 21.59 2.00 12.42
C PRO A 62 20.66 2.65 11.43
N VAL A 63 20.82 3.93 11.22
CA VAL A 63 20.07 4.67 10.28
C VAL A 63 20.97 5.39 9.29
N TYR A 64 20.75 5.16 8.02
CA TYR A 64 21.48 5.87 6.98
C TYR A 64 20.81 7.20 6.76
N ASN A 65 21.56 8.29 6.98
CA ASN A 65 20.98 9.60 6.75
C ASN A 65 21.21 9.92 5.30
N ALA A 66 20.11 10.03 4.58
CA ALA A 66 20.19 10.19 3.11
C ALA A 66 20.62 11.66 2.72
N LYS A 67 20.24 12.61 3.60
CA LYS A 67 20.45 14.06 3.42
C LYS A 67 21.97 14.28 3.57
N ASN A 68 22.52 13.72 4.63
CA ASN A 68 23.92 13.84 4.94
C ASN A 68 24.83 12.86 4.39
N LYS A 69 24.29 11.79 3.83
CA LYS A 69 25.02 10.68 3.30
C LYS A 69 25.89 9.92 4.24
N GLU A 70 25.47 9.79 5.50
CA GLU A 70 26.23 8.96 6.47
C GLU A 70 25.33 8.22 7.46
N LEU A 71 25.93 7.29 8.15
CA LEU A 71 25.25 6.45 9.12
C LEU A 71 25.15 7.07 10.45
N GLU A 72 23.97 7.11 11.05
CA GLU A 72 23.76 7.65 12.35
C GLU A 72 23.32 6.43 13.22
N LEU A 73 23.58 6.45 14.48
CA LEU A 73 23.15 5.39 15.42
C LEU A 73 22.21 5.95 16.50
N GLN A 74 21.04 5.36 16.69
CA GLN A 74 20.10 5.75 17.73
C GLN A 74 20.32 4.73 18.86
N SER A 75 20.51 5.17 20.08
CA SER A 75 20.72 4.21 21.16
C SER A 75 19.41 4.03 21.98
N PHE A 76 19.25 2.86 22.54
CA PHE A 76 18.14 2.52 23.41
C PHE A 76 18.63 1.74 24.64
N ARG A 77 17.96 1.97 25.77
CA ARG A 77 18.07 1.01 26.91
C ARG A 77 17.13 -0.12 26.74
N LEU A 78 17.61 -1.31 26.87
CA LEU A 78 16.76 -2.47 26.84
C LEU A 78 15.67 -2.46 27.88
N ASP A 79 15.90 -1.78 29.02
CA ASP A 79 14.84 -1.68 30.02
C ASP A 79 13.87 -0.48 29.79
N ASP A 80 13.96 0.21 28.65
CA ASP A 80 13.04 1.34 28.36
C ASP A 80 11.61 0.81 28.30
N GLU A 81 10.80 1.26 29.25
CA GLU A 81 9.45 0.69 29.42
C GLU A 81 8.54 1.10 28.17
N ASN A 82 8.99 2.02 27.34
CA ASN A 82 8.26 2.40 26.11
C ASN A 82 8.53 1.51 24.89
N TYR A 83 9.46 0.58 24.98
CA TYR A 83 9.91 -0.22 23.80
C TYR A 83 9.91 -1.65 24.11
N ASP A 84 9.75 -2.44 23.06
CA ASP A 84 9.78 -3.87 23.13
C ASP A 84 10.91 -4.35 22.19
N PHE A 85 11.75 -5.22 22.76
CA PHE A 85 12.89 -5.78 22.11
C PHE A 85 12.79 -7.23 21.89
N GLU A 86 11.58 -7.80 21.94
CA GLU A 86 11.48 -9.24 21.92
C GLU A 86 11.61 -9.83 20.58
N ASP A 87 11.33 -9.05 19.54
CA ASP A 87 11.54 -9.56 18.18
C ASP A 87 12.97 -9.05 17.83
N PRO A 88 13.95 -9.99 17.62
CA PRO A 88 15.32 -9.54 17.48
C PRO A 88 15.56 -8.71 16.19
N ARG A 89 14.58 -8.68 15.29
CA ARG A 89 14.67 -7.94 14.02
C ARG A 89 14.36 -6.48 14.18
N MET A 90 13.74 -6.09 15.32
CA MET A 90 13.17 -4.76 15.38
C MET A 90 13.06 -4.24 16.73
N ILE A 91 13.02 -2.92 16.82
CA ILE A 91 12.78 -2.18 18.03
C ILE A 91 11.42 -1.53 17.88
N ARG A 92 10.45 -2.02 18.71
CA ARG A 92 9.05 -1.71 18.55
C ARG A 92 8.55 -0.83 19.72
N SER A 93 7.72 0.13 19.43
CA SER A 93 6.98 0.82 20.42
C SER A 93 5.98 -0.15 21.09
N LYS A 94 5.92 -0.11 22.42
CA LYS A 94 4.89 -0.95 23.09
C LYS A 94 3.45 -0.71 22.66
N ALA A 95 3.15 0.49 22.26
CA ALA A 95 1.86 0.88 21.74
C ALA A 95 1.71 0.62 20.27
N LYS A 96 2.70 -0.01 19.63
CA LYS A 96 2.56 -0.37 18.20
C LYS A 96 3.36 -1.59 17.89
N LEU A 97 2.99 -2.67 18.51
CA LEU A 97 3.67 -3.92 18.41
C LEU A 97 3.48 -4.55 17.04
N GLU A 98 2.46 -4.07 16.33
CA GLU A 98 2.22 -4.49 14.97
C GLU A 98 3.22 -3.85 13.98
N GLY A 99 4.00 -2.87 14.40
CA GLY A 99 5.02 -2.34 13.46
C GLY A 99 6.37 -2.23 14.15
N PHE A 100 7.14 -1.18 13.76
CA PHE A 100 8.48 -0.95 14.38
C PHE A 100 8.83 0.49 14.28
N SER A 101 9.62 0.95 15.22
CA SER A 101 10.23 2.26 15.19
C SER A 101 11.56 2.25 14.43
N TYR A 102 12.34 1.22 14.69
CA TYR A 102 13.69 1.06 14.11
C TYR A 102 13.94 -0.43 13.84
N LEU A 103 14.91 -0.71 12.96
CA LEU A 103 15.41 -2.05 12.85
C LEU A 103 16.69 -2.21 13.66
N THR A 104 17.09 -3.42 13.90
CA THR A 104 18.27 -3.76 14.66
C THR A 104 19.52 -3.93 13.82
N SER A 105 19.36 -3.89 12.50
CA SER A 105 20.51 -3.97 11.59
C SER A 105 20.19 -3.15 10.35
N LEU A 106 21.21 -2.91 9.55
CA LEU A 106 21.00 -2.28 8.28
C LEU A 106 21.50 -3.17 7.19
N SER A 107 20.63 -3.38 6.19
CA SER A 107 20.99 -4.31 5.13
C SER A 107 21.38 -3.57 3.85
N TYR A 108 22.20 -4.26 3.07
CA TYR A 108 22.47 -3.91 1.70
C TYR A 108 22.66 -5.18 0.89
N ILE A 109 22.84 -5.03 -0.43
CA ILE A 109 22.95 -6.14 -1.31
C ILE A 109 24.40 -6.28 -1.80
N ARG A 110 24.88 -7.52 -1.72
CA ARG A 110 26.26 -7.87 -2.18
C ARG A 110 26.16 -9.16 -3.00
N ILE A 111 26.77 -9.13 -4.17
CA ILE A 111 26.82 -10.29 -5.05
C ILE A 111 27.84 -11.34 -4.71
N ALA A 112 27.43 -12.60 -4.80
CA ALA A 112 28.37 -13.75 -4.78
C ALA A 112 28.16 -14.51 -6.09
N ARG A 113 29.24 -15.10 -6.63
CA ARG A 113 29.11 -15.79 -7.93
C ARG A 113 29.72 -17.20 -7.80
N SER A 114 29.17 -18.13 -8.58
CA SER A 114 29.59 -19.50 -8.62
C SER A 114 29.55 -20.11 -10.05
N LYS A 115 30.61 -20.86 -10.39
CA LYS A 115 30.65 -21.62 -11.66
C LYS A 115 29.93 -22.95 -11.54
N ASP A 116 29.97 -23.59 -10.39
CA ASP A 116 29.39 -24.90 -10.22
C ASP A 116 28.03 -24.92 -9.50
N GLY A 117 27.52 -23.76 -9.04
CA GLY A 117 26.25 -23.73 -8.25
C GLY A 117 26.35 -24.02 -6.79
N HIS A 118 27.50 -24.42 -6.32
CA HIS A 118 27.74 -24.87 -4.98
C HIS A 118 28.76 -24.08 -4.25
N HIS A 119 29.84 -23.65 -4.93
CA HIS A 119 30.95 -22.92 -4.28
C HIS A 119 30.94 -21.49 -4.76
N PHE A 120 30.86 -20.54 -3.82
CA PHE A 120 30.63 -19.15 -4.20
C PHE A 120 31.80 -18.23 -3.81
N THR A 121 32.05 -17.23 -4.63
CA THR A 121 32.98 -16.14 -4.31
C THR A 121 32.26 -14.79 -4.31
N LEU A 122 32.50 -13.99 -3.27
CA LEU A 122 31.88 -12.68 -3.15
C LEU A 122 32.53 -11.69 -4.06
N ASP A 123 31.75 -10.90 -4.77
CA ASP A 123 32.27 -9.68 -5.36
C ASP A 123 32.94 -8.85 -4.28
N GLU A 124 33.90 -8.02 -4.70
CA GLU A 124 34.70 -7.33 -3.74
C GLU A 124 33.90 -6.28 -2.93
N LYS A 125 33.06 -5.57 -3.61
CA LYS A 125 32.29 -4.46 -3.03
C LYS A 125 30.78 -4.80 -3.01
N PRO A 126 30.04 -3.95 -2.30
CA PRO A 126 28.55 -4.03 -2.34
C PRO A 126 28.02 -3.74 -3.72
N PHE A 127 26.84 -4.27 -4.00
CA PHE A 127 26.14 -4.05 -5.22
C PHE A 127 25.16 -2.91 -5.13
N LEU A 128 24.22 -2.92 -4.15
CA LEU A 128 23.30 -1.84 -3.89
C LEU A 128 23.34 -1.50 -2.42
N TYR A 129 23.58 -0.24 -2.09
CA TYR A 129 23.66 0.25 -0.76
C TYR A 129 22.73 1.43 -0.70
N PRO A 130 21.99 1.63 0.44
CA PRO A 130 21.03 2.69 0.57
C PRO A 130 21.52 3.99 -0.14
N PHE A 131 20.71 4.48 -1.02
CA PHE A 131 21.09 5.70 -1.86
C PHE A 131 20.05 6.75 -1.96
N ASN A 132 18.92 6.66 -1.23
CA ASN A 132 17.97 7.75 -1.19
C ASN A 132 17.13 7.65 0.13
N GLU A 133 16.17 8.54 0.21
CA GLU A 133 15.39 8.78 1.35
C GLU A 133 14.40 7.59 1.64
N TYR A 134 14.25 6.68 0.66
CA TYR A 134 13.33 5.50 0.78
C TYR A 134 14.03 4.31 1.39
N GLN A 135 15.36 4.43 1.65
CA GLN A 135 16.23 3.35 2.04
C GLN A 135 17.04 3.47 3.26
N THR A 136 16.69 4.47 4.07
CA THR A 136 17.43 4.77 5.23
C THR A 136 17.62 3.70 6.26
N PHE A 137 16.70 2.74 6.33
CA PHE A 137 16.81 1.62 7.25
C PHE A 137 17.28 0.38 6.50
N GLY A 138 17.57 0.51 5.22
CA GLY A 138 18.12 -0.65 4.47
C GLY A 138 17.51 -0.95 3.19
N ILE A 139 18.26 -1.71 2.39
CA ILE A 139 17.79 -2.31 1.16
C ILE A 139 17.80 -3.85 1.46
N GLU A 140 16.64 -4.48 1.23
CA GLU A 140 16.48 -5.92 1.63
C GLU A 140 15.92 -6.79 0.52
N ASP A 141 16.29 -8.06 0.59
CA ASP A 141 15.52 -9.10 -0.09
C ASP A 141 15.32 -8.80 -1.56
N ALA A 142 16.42 -8.66 -2.28
CA ALA A 142 16.38 -8.40 -3.74
C ALA A 142 15.92 -9.64 -4.54
N ARG A 143 14.95 -9.47 -5.41
CA ARG A 143 14.56 -10.52 -6.33
C ARG A 143 15.09 -10.13 -7.72
N VAL A 144 15.35 -11.14 -8.55
CA VAL A 144 15.77 -10.88 -9.95
C VAL A 144 14.97 -11.63 -10.98
N THR A 145 14.33 -10.90 -11.89
CA THR A 145 13.67 -11.42 -13.05
C THR A 145 14.42 -10.98 -14.32
N GLN A 146 14.89 -11.97 -15.07
CA GLN A 146 15.51 -11.69 -16.38
C GLN A 146 14.53 -11.86 -17.48
N ILE A 147 14.35 -10.85 -18.30
CA ILE A 147 13.50 -10.87 -19.49
C ILE A 147 14.42 -10.42 -20.63
N GLY A 148 14.71 -11.35 -21.56
CA GLY A 148 15.70 -11.07 -22.63
C GLY A 148 17.02 -10.84 -21.97
N ASP A 149 17.65 -9.77 -22.34
CA ASP A 149 18.94 -9.40 -21.79
C ASP A 149 18.84 -8.54 -20.53
N THR A 150 17.62 -8.17 -20.14
CA THR A 150 17.49 -7.18 -19.04
C THR A 150 17.16 -7.95 -17.74
N TYR A 151 17.99 -7.73 -16.72
CA TYR A 151 17.74 -8.18 -15.34
C TYR A 151 17.01 -7.00 -14.55
N HIS A 152 15.89 -7.40 -13.94
CA HIS A 152 15.01 -6.51 -13.14
C HIS A 152 15.29 -6.95 -11.69
N VAL A 153 15.97 -6.06 -10.97
CA VAL A 153 16.37 -6.31 -9.62
C VAL A 153 15.47 -5.42 -8.73
N ASN A 154 14.55 -6.03 -8.02
CA ASN A 154 13.62 -5.29 -7.19
C ASN A 154 13.68 -5.73 -5.74
N PHE A 155 13.46 -4.80 -4.81
CA PHE A 155 13.89 -5.00 -3.42
C PHE A 155 13.08 -4.12 -2.47
N SER A 156 13.06 -4.51 -1.20
CA SER A 156 12.39 -3.70 -0.18
C SER A 156 13.32 -2.47 0.07
N ALA A 157 12.67 -1.33 0.11
CA ALA A 157 13.27 -0.07 0.48
C ALA A 157 12.62 0.42 1.75
N VAL A 158 13.36 0.31 2.85
CA VAL A 158 12.78 0.55 4.14
C VAL A 158 13.21 1.96 4.65
N SER A 159 12.24 2.76 5.06
CA SER A 159 12.53 4.07 5.67
C SER A 159 11.44 4.49 6.62
N GLU A 160 11.61 5.72 7.16
CA GLU A 160 10.64 6.36 8.00
C GLU A 160 9.35 6.65 7.21
N PHE A 161 9.41 6.66 5.89
CA PHE A 161 8.25 6.85 5.11
C PHE A 161 7.39 5.55 4.80
N GLY A 162 7.99 4.43 5.12
CA GLY A 162 7.36 3.10 4.93
C GLY A 162 8.25 2.07 4.28
N VAL A 163 7.70 0.88 4.14
CA VAL A 163 8.37 -0.21 3.40
C VAL A 163 7.78 -0.27 1.97
N ALA A 164 8.57 0.22 1.03
CA ALA A 164 8.22 0.23 -0.38
C ALA A 164 9.05 -0.86 -1.15
N ASP A 165 8.69 -1.07 -2.43
CA ASP A 165 9.45 -1.97 -3.28
C ASP A 165 9.91 -1.14 -4.48
N ALA A 166 11.21 -1.20 -4.74
CA ALA A 166 11.86 -0.39 -5.76
C ALA A 166 12.61 -1.32 -6.72
N LEU A 167 12.89 -0.77 -7.90
CA LEU A 167 13.40 -1.50 -9.06
C LEU A 167 14.65 -0.83 -9.65
N VAL A 168 15.68 -1.64 -9.89
CA VAL A 168 16.88 -1.27 -10.67
C VAL A 168 16.98 -2.25 -11.84
N THR A 169 17.27 -1.73 -13.03
CA THR A 169 17.39 -2.61 -14.23
C THR A 169 18.85 -2.53 -14.69
N THR A 170 19.31 -3.60 -15.32
CA THR A 170 20.73 -3.68 -15.67
C THR A 170 20.86 -4.81 -16.69
N LYS A 171 21.79 -4.65 -17.62
CA LYS A 171 22.15 -5.75 -18.55
C LYS A 171 23.42 -6.48 -18.16
N ASP A 172 24.16 -5.95 -17.22
CA ASP A 172 25.50 -6.44 -16.96
C ASP A 172 25.88 -6.41 -15.51
N PHE A 173 24.93 -6.04 -14.61
CA PHE A 173 25.28 -5.91 -13.19
C PHE A 173 26.37 -4.90 -12.84
N GLU A 174 26.62 -3.96 -13.77
CA GLU A 174 27.61 -2.88 -13.55
C GLU A 174 26.99 -1.54 -13.81
N ASN A 175 26.37 -1.34 -14.95
CA ASN A 175 25.60 -0.14 -15.23
C ASN A 175 24.14 -0.34 -14.83
N LEU A 176 23.72 0.46 -13.86
CA LEU A 176 22.43 0.25 -13.21
C LEU A 176 21.59 1.42 -13.51
N GLU A 177 20.30 1.20 -13.75
CA GLU A 177 19.38 2.25 -13.94
C GLU A 177 18.26 2.14 -12.84
N TYR A 178 18.06 3.20 -12.07
CA TYR A 178 17.04 3.23 -11.01
C TYR A 178 15.69 3.56 -11.63
N GLN A 179 14.64 2.81 -11.29
CA GLN A 179 13.30 2.94 -11.86
C GLN A 179 12.25 3.34 -10.85
N GLY A 180 12.69 3.67 -9.68
CA GLY A 180 11.75 4.21 -8.72
C GLY A 180 11.14 3.14 -7.85
N ASN A 181 10.30 3.60 -6.93
CA ASN A 181 9.42 2.70 -6.16
C ASN A 181 8.28 2.25 -7.06
N ILE A 182 8.39 1.01 -7.54
CA ILE A 182 7.38 0.37 -8.38
C ILE A 182 6.09 -0.01 -7.61
N PHE A 183 6.22 -0.23 -6.29
CA PHE A 183 5.03 -0.42 -5.43
C PHE A 183 5.15 0.51 -4.23
N ALA A 184 4.06 1.17 -3.95
CA ALA A 184 3.98 2.10 -2.86
C ALA A 184 4.07 1.31 -1.52
N PRO A 185 4.52 1.94 -0.48
CA PRO A 185 4.39 1.26 0.81
C PRO A 185 2.94 1.08 1.15
N GLU A 186 2.59 0.01 1.91
CA GLU A 186 3.50 -0.90 2.54
C GLU A 186 3.44 -2.21 1.70
N ASN A 187 4.57 -2.60 1.12
CA ASN A 187 4.59 -3.76 0.23
C ASN A 187 5.95 -4.35 0.19
N LYS A 188 6.03 -5.64 -0.15
CA LYS A 188 7.29 -6.33 -0.34
C LYS A 188 6.98 -7.69 -1.06
N ASP A 189 7.97 -8.54 -1.18
CA ASP A 189 7.78 -9.84 -1.88
C ASP A 189 7.19 -9.67 -3.27
N VAL A 190 7.75 -8.72 -4.02
CA VAL A 190 7.32 -8.42 -5.38
C VAL A 190 8.15 -9.40 -6.30
N LEU A 191 7.44 -10.15 -7.13
CA LEU A 191 8.05 -11.03 -8.10
C LEU A 191 7.44 -10.76 -9.44
N ILE A 192 8.32 -10.33 -10.34
CA ILE A 192 7.98 -9.98 -11.72
C ILE A 192 7.92 -11.29 -12.56
N PHE A 193 6.87 -11.46 -13.32
CA PHE A 193 6.76 -12.67 -14.14
C PHE A 193 7.77 -12.52 -15.31
N PRO A 194 8.33 -13.64 -15.77
CA PRO A 194 9.48 -13.58 -16.66
C PRO A 194 9.09 -13.33 -18.13
N GLU A 195 7.83 -13.12 -18.46
CA GLU A 195 7.53 -12.71 -19.83
C GLU A 195 6.28 -11.95 -19.86
N LYS A 196 6.06 -11.30 -20.98
CA LYS A 196 4.81 -10.61 -21.23
C LYS A 196 3.77 -11.67 -21.47
N ILE A 197 2.59 -11.52 -20.91
CA ILE A 197 1.60 -12.56 -20.95
C ILE A 197 0.36 -11.96 -21.56
N ASN A 198 0.07 -12.35 -22.81
CA ASN A 198 -1.15 -11.85 -23.49
C ASN A 198 -1.29 -10.36 -23.47
N GLY A 199 -0.16 -9.75 -23.79
CA GLY A 199 0.04 -8.32 -23.95
C GLY A 199 0.25 -7.44 -22.68
N LYS A 200 0.47 -8.07 -21.53
CA LYS A 200 0.67 -7.34 -20.26
C LYS A 200 1.76 -8.05 -19.45
N TYR A 201 2.56 -7.26 -18.78
CA TYR A 201 3.50 -7.86 -17.79
C TYR A 201 2.70 -8.00 -16.49
N TYR A 202 3.24 -8.84 -15.61
CA TYR A 202 2.58 -9.09 -14.33
C TYR A 202 3.65 -9.13 -13.25
N ALA A 203 3.21 -8.81 -12.00
CA ALA A 203 4.01 -9.11 -10.84
C ALA A 203 3.16 -9.56 -9.67
N LEU A 204 3.71 -10.51 -8.89
CA LEU A 204 3.12 -10.81 -7.58
C LEU A 204 3.58 -9.67 -6.59
N HIS A 205 2.76 -9.39 -5.60
CA HIS A 205 3.16 -8.53 -4.53
C HIS A 205 2.45 -8.88 -3.29
N ARG A 206 2.56 -8.06 -2.20
CA ARG A 206 2.12 -8.53 -0.90
C ARG A 206 1.86 -7.35 0.01
N PRO A 207 0.75 -6.65 -0.25
CA PRO A 207 0.41 -5.50 0.62
C PRO A 207 0.37 -5.91 2.07
N SER A 208 0.93 -5.11 2.98
CA SER A 208 0.81 -5.23 4.35
C SER A 208 -0.15 -4.14 4.85
N LEU A 209 -1.22 -4.52 5.55
CA LEU A 209 -2.42 -3.72 5.72
C LEU A 209 -2.71 -3.41 7.19
N LYS A 210 -2.73 -2.14 7.51
CA LYS A 210 -3.06 -1.70 8.80
C LYS A 210 -4.50 -2.07 9.32
N SER A 211 -5.50 -1.73 8.55
CA SER A 211 -6.84 -1.63 9.08
C SER A 211 -7.62 -2.92 8.93
N ILE A 212 -7.60 -3.45 7.73
CA ILE A 212 -8.29 -4.70 7.42
C ILE A 212 -7.55 -5.33 6.27
N GLY A 213 -7.59 -6.64 6.27
CA GLY A 213 -6.93 -7.45 5.22
C GLY A 213 -5.78 -8.24 5.84
N ASN A 214 -5.63 -9.49 5.44
CA ASN A 214 -4.56 -10.35 5.93
C ASN A 214 -3.29 -10.13 5.08
N LEU A 215 -2.16 -10.75 5.47
CA LEU A 215 -0.90 -10.67 4.75
C LEU A 215 -0.94 -11.68 3.59
N ASP A 216 -1.59 -11.25 2.55
CA ASP A 216 -1.95 -12.06 1.39
C ASP A 216 -1.19 -11.67 0.15
N ILE A 217 -0.97 -12.63 -0.71
CA ILE A 217 -0.42 -12.35 -2.05
C ILE A 217 -1.40 -11.78 -2.99
N TRP A 218 -0.98 -10.66 -3.66
CA TRP A 218 -1.76 -10.04 -4.71
C TRP A 218 -1.01 -10.11 -6.03
N ILE A 219 -1.68 -9.68 -7.08
CA ILE A 219 -1.09 -9.59 -8.37
C ILE A 219 -1.46 -8.28 -9.02
N ALA A 220 -0.58 -7.76 -9.87
CA ALA A 220 -0.86 -6.55 -10.63
C ALA A 220 -0.35 -6.75 -12.04
N SER A 221 -0.95 -6.02 -12.97
CA SER A 221 -0.45 -5.95 -14.37
C SER A 221 0.29 -4.67 -14.66
N SER A 222 1.00 -4.63 -15.79
CA SER A 222 1.79 -3.50 -16.13
C SER A 222 2.04 -3.48 -17.66
N PRO A 223 1.98 -2.29 -18.27
CA PRO A 223 2.34 -2.17 -19.71
C PRO A 223 3.83 -2.11 -19.94
N ASP A 224 4.64 -1.83 -18.92
CA ASP A 224 6.06 -1.49 -19.16
C ASP A 224 7.04 -1.85 -18.05
N LEU A 225 6.58 -2.59 -17.04
CA LEU A 225 7.44 -2.88 -15.87
C LEU A 225 7.98 -1.63 -15.15
N ARG A 226 7.20 -0.57 -15.19
CA ARG A 226 7.48 0.61 -14.44
C ARG A 226 6.28 1.05 -13.63
N SER A 227 5.09 0.98 -14.21
CA SER A 227 3.86 1.31 -13.60
C SER A 227 2.99 0.06 -13.48
N PHE A 228 2.19 -0.06 -12.42
CA PHE A 228 1.41 -1.30 -12.18
C PHE A 228 0.03 -0.93 -11.82
N GLY A 229 -0.92 -1.76 -12.16
CA GLY A 229 -2.31 -1.50 -11.84
C GLY A 229 -3.17 -2.78 -11.88
N ASP A 230 -4.49 -2.58 -11.96
CA ASP A 230 -5.44 -3.64 -11.92
C ASP A 230 -5.05 -4.65 -10.82
N HIS A 231 -4.94 -4.09 -9.60
CA HIS A 231 -4.53 -4.91 -8.45
C HIS A 231 -5.64 -5.89 -8.07
N ARG A 232 -5.26 -7.13 -7.91
CA ARG A 232 -6.17 -8.15 -7.50
C ARG A 232 -5.57 -9.02 -6.37
N HIS A 233 -6.44 -9.45 -5.49
CA HIS A 233 -6.15 -10.38 -4.44
C HIS A 233 -5.92 -11.77 -5.10
N LEU A 234 -4.86 -12.50 -4.71
CA LEU A 234 -4.55 -13.77 -5.37
C LEU A 234 -4.54 -14.97 -4.45
N LEU A 235 -3.72 -14.96 -3.40
CA LEU A 235 -3.54 -16.11 -2.47
C LEU A 235 -3.60 -15.64 -1.06
N GLY A 236 -4.59 -16.14 -0.30
CA GLY A 236 -4.77 -15.75 1.06
C GLY A 236 -4.25 -16.69 2.08
N ILE A 237 -4.10 -16.20 3.30
CA ILE A 237 -3.70 -17.03 4.38
C ILE A 237 -4.76 -18.16 4.64
N ARG A 238 -4.38 -19.23 5.32
CA ARG A 238 -5.31 -20.36 5.66
C ARG A 238 -5.19 -20.67 7.11
N PRO A 239 -6.20 -20.29 7.90
CA PRO A 239 -6.18 -20.55 9.32
C PRO A 239 -5.98 -22.01 9.65
N GLY A 240 -5.15 -22.26 10.61
CA GLY A 240 -4.79 -23.63 11.03
C GLY A 240 -3.82 -24.40 10.12
N GLU A 241 -3.28 -23.80 9.04
CA GLU A 241 -2.42 -24.43 8.12
C GLU A 241 -1.04 -23.81 8.24
N TYR A 242 -0.08 -24.34 7.47
CA TYR A 242 1.30 -23.85 7.56
C TYR A 242 1.42 -22.34 7.17
N ASP A 243 0.43 -21.83 6.44
CA ASP A 243 0.41 -20.46 5.97
C ASP A 243 -0.76 -19.69 6.66
N SER A 244 -0.90 -19.88 7.95
CA SER A 244 -1.96 -19.27 8.68
C SER A 244 -1.65 -17.80 9.04
N GLY A 245 -0.35 -17.42 9.15
CA GLY A 245 0.04 -16.08 9.60
C GLY A 245 0.24 -15.12 8.43
N ARG A 246 0.90 -15.58 7.38
CA ARG A 246 1.14 -14.80 6.19
C ARG A 246 1.66 -15.64 5.08
N VAL A 247 1.52 -15.12 3.86
CA VAL A 247 2.11 -15.66 2.69
C VAL A 247 2.80 -14.59 1.92
N GLY A 248 3.79 -14.96 1.12
CA GLY A 248 4.44 -14.03 0.20
C GLY A 248 5.15 -14.76 -0.92
N GLY A 249 5.22 -14.13 -2.07
CA GLY A 249 5.98 -14.60 -3.20
C GLY A 249 7.38 -14.91 -2.79
N GLY A 250 7.95 -15.94 -3.43
CA GLY A 250 9.24 -16.38 -3.10
C GLY A 250 10.16 -16.32 -4.30
N CYS A 251 10.09 -17.36 -5.15
CA CYS A 251 10.83 -17.41 -6.41
C CYS A 251 10.06 -16.76 -7.57
N VAL A 252 10.79 -16.45 -8.65
CA VAL A 252 10.14 -15.93 -9.88
C VAL A 252 9.22 -17.05 -10.45
N PRO A 253 8.04 -16.67 -10.87
CA PRO A 253 7.11 -17.63 -11.44
C PRO A 253 7.80 -18.46 -12.59
N ILE A 254 7.49 -19.75 -12.58
CA ILE A 254 8.13 -20.72 -13.48
C ILE A 254 7.10 -21.19 -14.47
N LYS A 255 7.36 -20.92 -15.75
CA LYS A 255 6.42 -21.34 -16.79
C LYS A 255 6.53 -22.89 -16.96
N THR A 256 5.38 -23.54 -16.92
CA THR A 256 5.24 -24.98 -17.16
C THR A 256 4.05 -25.15 -18.11
N GLU A 257 3.94 -26.37 -18.67
CA GLU A 257 2.75 -26.66 -19.55
C GLU A 257 1.42 -26.65 -18.81
N GLU A 258 1.46 -26.81 -17.52
CA GLU A 258 0.30 -26.82 -16.69
C GLU A 258 -0.11 -25.42 -16.10
N GLY A 259 0.75 -24.44 -16.24
CA GLY A 259 0.45 -23.10 -15.61
C GLY A 259 1.71 -22.47 -15.11
N TRP A 260 1.57 -21.31 -14.47
CA TRP A 260 2.73 -20.66 -13.84
C TRP A 260 2.89 -21.28 -12.49
N LEU A 261 4.06 -21.85 -12.25
CA LEU A 261 4.34 -22.50 -11.00
C LEU A 261 4.99 -21.46 -9.98
N ILE A 262 4.27 -21.26 -8.87
CA ILE A 262 4.60 -20.24 -7.84
C ILE A 262 5.13 -20.92 -6.65
N LEU A 263 6.41 -20.72 -6.35
CA LEU A 263 7.01 -21.28 -5.17
C LEU A 263 7.03 -20.09 -4.11
N TYR A 264 6.14 -20.21 -3.15
CA TYR A 264 5.85 -19.05 -2.24
C TYR A 264 6.20 -19.47 -0.85
N HIS A 265 6.37 -18.50 0.05
CA HIS A 265 6.64 -18.81 1.45
C HIS A 265 5.39 -18.57 2.23
N GLY A 266 5.24 -19.38 3.27
CA GLY A 266 4.19 -19.31 4.23
C GLY A 266 4.69 -19.36 5.62
N ALA A 267 4.07 -18.59 6.54
CA ALA A 267 4.44 -18.67 7.93
C ALA A 267 3.20 -18.81 8.79
N THR A 268 3.37 -19.46 9.93
CA THR A 268 2.39 -19.46 10.95
C THR A 268 2.44 -18.16 11.73
N GLU A 269 1.49 -18.01 12.64
CA GLU A 269 1.50 -16.90 13.61
C GLU A 269 2.68 -16.94 14.51
N GLU A 270 3.33 -18.10 14.66
CA GLU A 270 4.58 -18.10 15.42
C GLU A 270 5.85 -17.92 14.58
N ASN A 271 5.67 -17.54 13.31
CA ASN A 271 6.77 -17.16 12.43
C ASN A 271 7.69 -18.32 12.06
N ARG A 272 7.14 -19.51 11.98
CA ARG A 272 7.84 -20.63 11.35
C ARG A 272 7.55 -20.54 9.87
N TYR A 273 8.60 -20.37 9.08
CA TYR A 273 8.48 -20.17 7.63
C TYR A 273 8.86 -21.45 6.82
N VAL A 274 7.98 -21.79 5.91
CA VAL A 274 8.18 -22.90 4.97
C VAL A 274 7.92 -22.43 3.57
N MET A 275 8.26 -23.26 2.57
CA MET A 275 7.88 -23.02 1.20
C MET A 275 6.69 -23.94 0.82
N GLY A 276 5.78 -23.38 0.05
CA GLY A 276 4.70 -24.07 -0.61
C GLY A 276 4.63 -23.71 -2.06
N ALA A 277 3.65 -24.30 -2.75
CA ALA A 277 3.48 -24.04 -4.14
C ALA A 277 2.09 -23.74 -4.56
N ALA A 278 1.98 -23.01 -5.60
CA ALA A 278 0.67 -22.82 -6.23
C ALA A 278 0.81 -22.82 -7.72
N LEU A 279 -0.33 -23.01 -8.39
CA LEU A 279 -0.30 -22.99 -9.90
C LEU A 279 -1.36 -22.08 -10.42
N LEU A 280 -0.97 -21.16 -11.30
CA LEU A 280 -1.86 -20.18 -11.88
C LEU A 280 -2.06 -20.55 -13.36
N ASP A 281 -3.18 -20.12 -13.86
CA ASP A 281 -3.49 -20.26 -15.29
C ASP A 281 -2.44 -19.59 -16.15
N LEU A 282 -2.07 -20.29 -17.20
CA LEU A 282 -1.04 -19.82 -18.08
C LEU A 282 -1.28 -18.52 -18.78
N ASN A 283 -2.50 -18.34 -19.19
CA ASN A 283 -2.91 -17.21 -19.97
C ASN A 283 -3.42 -16.01 -19.22
N ASP A 284 -4.02 -16.28 -18.05
CA ASP A 284 -4.52 -15.27 -17.13
C ASP A 284 -4.05 -15.68 -15.73
N PRO A 285 -2.92 -15.19 -15.31
CA PRO A 285 -2.36 -15.62 -14.01
C PRO A 285 -3.10 -15.08 -12.80
N THR A 286 -4.19 -14.37 -13.01
CA THR A 286 -5.00 -13.93 -11.90
C THR A 286 -5.81 -15.09 -11.38
N ILE A 287 -5.88 -16.17 -12.18
CA ILE A 287 -6.62 -17.37 -11.80
C ILE A 287 -5.75 -18.37 -11.11
N VAL A 288 -6.11 -18.78 -9.90
CA VAL A 288 -5.37 -19.81 -9.18
C VAL A 288 -5.99 -21.16 -9.51
N LEU A 289 -5.17 -22.11 -9.98
CA LEU A 289 -5.67 -23.50 -10.31
C LEU A 289 -5.49 -24.46 -9.26
N LYS A 290 -4.36 -24.48 -8.56
CA LYS A 290 -4.07 -25.44 -7.56
C LYS A 290 -3.12 -24.83 -6.51
N ARG A 291 -3.15 -25.39 -5.33
CA ARG A 291 -2.26 -25.00 -4.21
C ARG A 291 -1.95 -26.15 -3.33
N THR A 292 -0.73 -26.24 -2.86
CA THR A 292 -0.36 -27.31 -1.97
C THR A 292 -1.05 -27.27 -0.64
N LYS A 293 -1.29 -28.43 -0.03
CA LYS A 293 -1.73 -28.54 1.32
C LYS A 293 -0.66 -28.81 2.25
N THR A 294 0.52 -29.28 1.85
CA THR A 294 1.59 -29.45 2.79
C THR A 294 2.83 -28.81 2.15
N PRO A 295 3.81 -28.48 2.95
CA PRO A 295 4.95 -27.70 2.35
C PRO A 295 5.77 -28.50 1.34
N ILE A 296 6.50 -27.81 0.48
CA ILE A 296 7.57 -28.45 -0.32
C ILE A 296 8.97 -28.38 0.31
N LEU A 297 9.18 -27.51 1.33
CA LEU A 297 10.48 -27.36 2.05
C LEU A 297 10.20 -26.76 3.37
N GLU A 298 10.73 -27.32 4.43
CA GLU A 298 10.55 -26.87 5.80
C GLU A 298 11.89 -26.74 6.44
N PRO A 299 11.96 -26.01 7.53
CA PRO A 299 13.20 -25.85 8.26
C PRO A 299 13.53 -27.04 9.17
N VAL A 300 14.35 -27.97 8.67
CA VAL A 300 14.66 -29.26 9.38
C VAL A 300 16.13 -29.47 9.62
N ALA A 301 17.02 -28.89 8.79
CA ALA A 301 18.44 -28.94 9.05
C ALA A 301 18.80 -28.01 10.16
N ASP A 302 19.93 -28.23 10.86
CA ASP A 302 20.27 -27.34 11.95
C ASP A 302 20.49 -25.87 11.55
N TYR A 303 20.98 -25.62 10.33
CA TYR A 303 21.23 -24.27 9.85
C TYR A 303 19.91 -23.59 9.44
N GLU A 304 18.84 -24.38 9.30
CA GLU A 304 17.50 -23.84 9.03
C GLU A 304 16.74 -23.60 10.35
N LYS A 305 16.97 -24.40 11.35
CA LYS A 305 16.29 -24.22 12.64
C LYS A 305 16.91 -23.15 13.50
N ASN A 306 18.24 -23.05 13.47
CA ASN A 306 18.97 -22.23 14.52
C ASN A 306 19.77 -21.11 13.84
N GLY A 307 19.63 -19.89 14.37
CA GLY A 307 20.27 -18.72 13.78
C GLY A 307 19.71 -17.45 14.41
N PHE A 308 19.85 -16.39 13.68
CA PHE A 308 19.41 -15.08 14.11
C PHE A 308 17.85 -15.06 14.28
N PHE A 309 17.09 -15.70 13.39
CA PHE A 309 15.66 -15.76 13.53
C PHE A 309 15.34 -17.16 13.06
N GLY A 310 15.20 -18.08 14.03
CA GLY A 310 15.17 -19.50 13.69
C GLY A 310 13.89 -20.01 13.05
N ASP A 311 13.98 -21.22 12.53
CA ASP A 311 12.86 -21.93 11.92
C ASP A 311 12.34 -21.21 10.68
N VAL A 312 13.28 -20.89 9.81
CA VAL A 312 12.99 -20.19 8.60
C VAL A 312 13.71 -20.85 7.42
N VAL A 313 12.99 -21.14 6.34
CA VAL A 313 13.55 -21.30 5.01
C VAL A 313 12.83 -20.30 4.19
N PHE A 314 13.54 -19.61 3.33
CA PHE A 314 12.98 -18.43 2.62
C PHE A 314 13.62 -18.30 1.24
N ALA A 315 13.04 -19.02 0.27
CA ALA A 315 13.62 -19.06 -1.11
C ALA A 315 13.21 -17.86 -1.92
N CYS A 316 14.21 -17.10 -2.35
CA CYS A 316 14.00 -15.88 -3.13
C CYS A 316 14.47 -16.04 -4.57
N GLY A 317 14.90 -17.25 -4.89
CA GLY A 317 15.14 -17.53 -6.32
C GLY A 317 15.54 -18.97 -6.59
N ALA A 318 15.49 -19.28 -7.90
CA ALA A 318 15.94 -20.61 -8.34
C ALA A 318 16.32 -20.56 -9.86
N ILE A 319 17.25 -21.46 -10.22
CA ILE A 319 17.65 -21.65 -11.63
C ILE A 319 17.06 -22.98 -12.16
N GLN A 320 16.35 -22.89 -13.28
CA GLN A 320 15.70 -24.09 -13.88
C GLN A 320 16.75 -24.73 -14.90
N GLU A 321 16.95 -26.03 -14.80
CA GLU A 321 17.83 -26.82 -15.75
C GLU A 321 16.99 -28.04 -16.08
N GLY A 322 16.20 -27.88 -17.11
CA GLY A 322 15.23 -28.89 -17.50
C GLY A 322 14.15 -29.07 -16.44
N ASP A 323 14.00 -30.28 -15.93
CA ASP A 323 13.10 -30.56 -14.85
C ASP A 323 13.71 -30.23 -13.48
N THR A 324 14.98 -29.89 -13.42
CA THR A 324 15.62 -29.66 -12.10
C THR A 324 15.50 -28.18 -11.77
N LEU A 325 15.21 -27.92 -10.50
CA LEU A 325 15.30 -26.53 -9.92
C LEU A 325 16.45 -26.45 -9.00
N HIS A 326 17.39 -25.58 -9.28
CA HIS A 326 18.46 -25.34 -8.34
C HIS A 326 17.89 -24.10 -7.49
N MET A 327 17.44 -24.41 -6.33
CA MET A 327 16.69 -23.37 -5.46
C MET A 327 17.65 -22.91 -4.39
N TYR A 328 17.78 -21.60 -4.22
CA TYR A 328 18.62 -21.07 -3.19
C TYR A 328 17.74 -20.33 -2.19
N TYR A 329 18.05 -20.50 -0.92
CA TYR A 329 17.15 -19.97 0.12
C TYR A 329 17.92 -19.47 1.31
N GLY A 330 17.32 -18.39 1.95
CA GLY A 330 17.78 -17.97 3.23
C GLY A 330 17.43 -18.98 4.27
N VAL A 331 18.32 -19.14 5.22
CA VAL A 331 18.07 -19.95 6.35
C VAL A 331 18.28 -19.22 7.65
N ALA A 332 17.23 -19.28 8.52
CA ALA A 332 17.22 -18.68 9.78
C ALA A 332 17.58 -17.17 9.79
N ASP A 333 17.31 -16.49 8.72
CA ASP A 333 17.71 -15.10 8.48
C ASP A 333 19.22 -14.93 8.72
N THR A 334 19.97 -16.01 8.49
CA THR A 334 21.41 -16.00 8.83
C THR A 334 22.30 -16.24 7.67
N SER A 335 21.95 -17.24 6.89
CA SER A 335 22.83 -17.83 5.85
C SER A 335 22.11 -18.17 4.62
N MET A 336 22.87 -18.63 3.60
CA MET A 336 22.33 -19.12 2.36
C MET A 336 22.54 -20.62 2.27
N ALA A 337 21.53 -21.29 1.73
CA ALA A 337 21.57 -22.76 1.44
C ALA A 337 21.15 -23.00 0.01
N GLY A 338 21.47 -24.18 -0.51
CA GLY A 338 20.96 -24.57 -1.78
C GLY A 338 20.34 -26.00 -1.71
N CYS A 339 19.41 -26.25 -2.62
CA CYS A 339 18.86 -27.59 -2.80
C CYS A 339 18.43 -27.71 -4.22
N ASP A 340 18.35 -28.96 -4.67
CA ASP A 340 17.73 -29.26 -5.96
C ASP A 340 16.42 -30.02 -5.76
N MET A 341 15.42 -29.65 -6.55
CA MET A 341 14.11 -30.32 -6.55
C MET A 341 13.70 -30.51 -7.98
N LYS A 342 12.56 -31.19 -8.19
CA LYS A 342 12.08 -31.36 -9.54
C LYS A 342 10.79 -30.70 -9.76
N ILE A 343 10.69 -29.96 -10.85
CA ILE A 343 9.44 -29.37 -11.23
C ILE A 343 8.29 -30.36 -11.29
N SER A 344 8.58 -31.49 -11.95
CA SER A 344 7.57 -32.52 -12.17
C SER A 344 7.07 -33.03 -10.89
N GLU A 345 7.91 -33.18 -9.87
CA GLU A 345 7.44 -33.63 -8.60
C GLU A 345 6.65 -32.60 -7.76
N ILE A 346 6.98 -31.34 -7.98
CA ILE A 346 6.16 -30.28 -7.34
C ILE A 346 4.79 -30.23 -7.99
N LEU A 347 4.77 -30.27 -9.31
CA LEU A 347 3.53 -30.36 -10.05
C LEU A 347 2.67 -31.56 -9.67
N HIS A 348 3.32 -32.65 -9.43
CA HIS A 348 2.63 -33.85 -8.98
C HIS A 348 2.07 -33.68 -7.56
N GLN A 349 2.82 -33.01 -6.68
CA GLN A 349 2.26 -32.76 -5.39
C GLN A 349 1.00 -31.88 -5.46
N LEU A 350 1.07 -30.88 -6.32
CA LEU A 350 -0.06 -29.98 -6.52
C LEU A 350 -1.34 -30.78 -6.98
N GLU A 351 -1.13 -31.68 -7.91
CA GLU A 351 -2.26 -32.48 -8.49
C GLU A 351 -2.76 -33.35 -7.42
N VAL A 352 -1.90 -34.02 -6.70
CA VAL A 352 -2.37 -34.85 -5.56
C VAL A 352 -3.08 -34.14 -4.46
N GLU A 353 -2.60 -32.97 -4.06
CA GLU A 353 -3.19 -32.33 -2.89
C GLU A 353 -4.38 -31.46 -3.26
N ALA A 354 -4.53 -31.05 -4.49
CA ALA A 354 -5.62 -30.19 -4.85
C ALA A 354 -6.70 -31.03 -5.48
N MET B 1 -8.22 34.28 4.79
CA MET B 1 -9.11 34.09 3.63
C MET B 1 -10.46 34.82 3.87
N ASN B 2 -10.98 35.32 2.78
CA ASN B 2 -12.29 35.89 2.67
C ASN B 2 -13.19 34.85 2.05
N ILE B 3 -13.64 33.97 2.88
CA ILE B 3 -14.57 32.89 2.42
C ILE B 3 -15.97 33.35 2.42
N TYR B 4 -16.70 33.04 1.36
CA TYR B 4 -18.14 33.26 1.25
C TYR B 4 -18.90 31.85 1.45
N ARG B 5 -19.48 31.64 2.63
CA ARG B 5 -20.23 30.38 2.85
C ARG B 5 -21.64 30.59 2.36
N TYR B 6 -22.12 29.62 1.61
CA TYR B 6 -23.43 29.71 0.95
C TYR B 6 -24.53 29.88 1.95
N GLU B 7 -25.45 30.81 1.62
CA GLU B 7 -26.56 31.09 2.44
C GLU B 7 -27.39 29.83 2.73
N GLU B 8 -27.45 28.95 1.79
CA GLU B 8 -28.29 27.73 1.92
C GLU B 8 -27.60 26.60 2.70
N ASN B 9 -26.36 26.81 3.20
CA ASN B 9 -25.70 25.73 3.88
C ASN B 9 -26.43 25.35 5.12
N PRO B 10 -26.45 24.05 5.47
CA PRO B 10 -25.91 22.91 4.67
C PRO B 10 -26.76 22.63 3.49
N LEU B 11 -26.16 22.42 2.33
CA LEU B 11 -26.87 22.26 1.12
C LEU B 11 -27.71 20.99 1.09
N ILE B 12 -27.12 19.92 1.62
CA ILE B 12 -27.73 18.55 1.55
C ILE B 12 -27.40 17.85 2.83
N THR B 13 -28.44 17.31 3.47
CA THR B 13 -28.29 16.69 4.75
C THR B 13 -28.95 15.30 4.68
N PRO B 14 -28.72 14.52 5.70
CA PRO B 14 -29.32 13.11 5.61
C PRO B 14 -30.86 13.16 5.48
N LEU B 15 -31.47 14.19 6.08
CA LEU B 15 -32.94 14.39 5.95
C LEU B 15 -33.36 14.57 4.53
N ASP B 16 -32.50 15.06 3.64
CA ASP B 16 -32.86 15.18 2.25
C ASP B 16 -32.79 13.90 1.45
N VAL B 17 -32.38 12.76 2.04
CA VAL B 17 -32.11 11.58 1.25
C VAL B 17 -32.85 10.40 1.87
N LYS B 18 -33.60 9.67 1.03
CA LYS B 18 -34.34 8.48 1.54
C LYS B 18 -33.43 7.23 1.39
N PRO B 19 -33.50 6.33 2.33
CA PRO B 19 -32.65 5.13 2.28
C PRO B 19 -33.05 4.24 1.19
N ILE B 20 -32.09 3.58 0.58
CA ILE B 20 -32.38 2.57 -0.51
C ILE B 20 -32.45 1.18 0.07
N HIS B 21 -31.98 0.97 1.32
CA HIS B 21 -32.16 -0.34 1.91
C HIS B 21 -33.33 -0.32 2.89
N GLU B 22 -34.19 -1.31 2.76
CA GLU B 22 -35.26 -1.55 3.75
C GLU B 22 -34.80 -1.62 5.16
N GLY B 23 -35.38 -0.82 6.00
CA GLY B 23 -35.05 -0.83 7.40
C GLY B 23 -33.88 0.08 7.77
N PHE B 24 -33.15 0.63 6.80
CA PHE B 24 -31.97 1.38 7.22
C PHE B 24 -32.25 2.83 7.42
N GLU B 25 -31.34 3.54 8.07
CA GLU B 25 -31.41 5.00 8.10
C GLU B 25 -30.18 5.62 7.39
N VAL B 26 -30.42 6.71 6.68
CA VAL B 26 -29.34 7.53 6.08
C VAL B 26 -28.64 8.24 7.15
N ILE B 27 -27.33 8.02 7.30
CA ILE B 27 -26.62 8.75 8.32
C ILE B 27 -25.63 9.85 7.75
N GLY B 28 -25.40 9.85 6.46
CA GLY B 28 -24.53 10.84 5.88
C GLY B 28 -24.81 10.94 4.43
N ALA B 29 -24.71 12.18 3.90
CA ALA B 29 -24.72 12.38 2.49
C ALA B 29 -23.63 13.46 2.30
N PHE B 30 -22.39 13.03 2.00
CA PHE B 30 -21.24 13.83 2.35
C PHE B 30 -20.05 13.51 1.46
N ASN B 31 -18.94 14.23 1.68
CA ASN B 31 -17.72 13.98 0.93
C ASN B 31 -17.90 13.85 -0.54
N GLY B 32 -18.65 14.76 -1.12
CA GLY B 32 -19.04 14.62 -2.51
C GLY B 32 -17.98 14.97 -3.50
N GLY B 33 -17.72 14.12 -4.48
CA GLY B 33 -16.84 14.49 -5.53
C GLY B 33 -17.62 15.50 -6.42
N VAL B 34 -16.90 16.19 -7.32
CA VAL B 34 -17.47 17.39 -8.01
C VAL B 34 -17.14 17.38 -9.44
N ALA B 35 -18.15 17.53 -10.30
CA ALA B 35 -17.90 17.58 -11.71
C ALA B 35 -18.85 18.63 -12.39
N GLU B 36 -18.50 19.05 -13.58
CA GLU B 36 -19.47 19.86 -14.44
C GLU B 36 -19.82 18.96 -15.59
N TYR B 37 -21.13 18.76 -15.82
CA TYR B 37 -21.58 18.01 -16.95
C TYR B 37 -22.91 18.59 -17.50
N ASN B 38 -22.92 18.87 -18.80
CA ASN B 38 -24.16 19.29 -19.54
C ASN B 38 -24.82 20.51 -18.87
N GLY B 39 -24.03 21.50 -18.50
CA GLY B 39 -24.52 22.68 -17.83
C GLY B 39 -24.98 22.54 -16.44
N GLU B 40 -24.60 21.46 -15.73
CA GLU B 40 -24.97 21.35 -14.29
C GLU B 40 -23.72 20.97 -13.44
N VAL B 41 -23.75 21.40 -12.20
CA VAL B 41 -22.80 20.97 -11.17
C VAL B 41 -23.30 19.61 -10.70
N LEU B 42 -22.42 18.61 -10.71
CA LEU B 42 -22.77 17.31 -10.13
C LEU B 42 -21.94 17.05 -8.84
N LEU B 43 -22.64 16.64 -7.81
CA LEU B 43 -22.02 16.21 -6.55
C LEU B 43 -22.17 14.69 -6.54
N LEU B 44 -21.08 13.96 -6.42
CA LEU B 44 -21.15 12.49 -6.34
C LEU B 44 -21.12 12.18 -4.83
N LEU B 45 -22.27 12.25 -4.20
CA LEU B 45 -22.39 12.18 -2.77
C LEU B 45 -22.05 10.71 -2.29
N ARG B 46 -21.34 10.63 -1.19
CA ARG B 46 -21.27 9.42 -0.41
C ARG B 46 -22.45 9.38 0.48
N VAL B 47 -23.31 8.41 0.24
CA VAL B 47 -24.42 8.18 1.12
C VAL B 47 -24.14 6.94 1.97
N ALA B 48 -24.17 7.12 3.27
CA ALA B 48 -23.92 6.09 4.23
C ALA B 48 -25.23 5.72 4.90
N GLU B 49 -25.53 4.42 4.91
CA GLU B 49 -26.77 3.87 5.52
C GLU B 49 -26.41 2.87 6.58
N LYS B 50 -27.16 2.91 7.65
CA LYS B 50 -26.94 2.08 8.81
C LYS B 50 -28.22 1.26 9.07
N PRO B 51 -28.07 -0.03 9.31
CA PRO B 51 -29.24 -0.84 9.72
C PRO B 51 -29.67 -0.51 11.14
N VAL B 52 -30.97 -0.70 11.39
CA VAL B 52 -31.52 -0.54 12.72
C VAL B 52 -31.79 -1.91 13.27
N SER B 53 -31.27 -2.15 14.45
CA SER B 53 -31.41 -3.42 15.11
C SER B 53 -32.70 -3.33 16.00
N GLU B 54 -33.51 -4.38 15.94
CA GLU B 54 -34.68 -4.49 16.83
C GLU B 54 -34.21 -4.71 18.24
N ASP B 55 -33.07 -5.38 18.39
CA ASP B 55 -32.54 -5.69 19.69
C ASP B 55 -31.39 -4.75 19.94
N PRO B 56 -31.55 -3.87 20.96
CA PRO B 56 -30.49 -2.86 21.24
C PRO B 56 -29.19 -3.45 21.92
N GLU B 57 -29.20 -4.73 22.24
CA GLU B 57 -28.01 -5.45 22.66
C GLU B 57 -27.11 -5.96 21.49
N ILE B 58 -27.61 -5.80 20.26
CA ILE B 58 -27.07 -6.33 19.05
C ILE B 58 -26.89 -5.18 18.09
N VAL B 59 -25.72 -5.17 17.45
CA VAL B 59 -25.44 -4.33 16.28
C VAL B 59 -25.14 -5.12 15.07
N LEU B 60 -25.54 -4.58 13.93
CA LEU B 60 -25.50 -5.28 12.68
C LEU B 60 -24.44 -4.61 11.76
N ALA B 61 -23.63 -5.42 11.08
CA ALA B 61 -22.68 -4.98 10.07
C ALA B 61 -23.33 -5.19 8.76
N PRO B 62 -23.52 -4.10 7.99
CA PRO B 62 -24.19 -4.26 6.70
C PRO B 62 -23.23 -4.60 5.59
N VAL B 63 -23.05 -5.90 5.35
CA VAL B 63 -22.06 -6.43 4.42
C VAL B 63 -22.68 -6.84 3.15
N TYR B 64 -22.12 -6.40 2.03
CA TYR B 64 -22.53 -6.83 0.76
C TYR B 64 -21.90 -8.14 0.41
N ASN B 65 -22.73 -9.08 -0.08
CA ASN B 65 -22.23 -10.38 -0.55
C ASN B 65 -22.12 -10.33 -2.04
N ALA B 66 -20.91 -10.48 -2.54
CA ALA B 66 -20.69 -10.25 -3.93
C ALA B 66 -21.20 -11.44 -4.79
N LYS B 67 -21.24 -12.62 -4.24
CA LYS B 67 -21.80 -13.81 -4.99
C LYS B 67 -23.31 -13.68 -5.19
N ASN B 68 -24.05 -13.37 -4.15
CA ASN B 68 -25.47 -13.24 -4.19
C ASN B 68 -26.01 -11.85 -4.53
N LYS B 69 -25.15 -10.83 -4.54
CA LYS B 69 -25.55 -9.49 -4.89
C LYS B 69 -26.63 -8.93 -4.07
N GLU B 70 -26.49 -9.08 -2.76
CA GLU B 70 -27.35 -8.52 -1.83
C GLU B 70 -26.66 -8.45 -0.49
N LEU B 71 -27.28 -7.75 0.46
CA LEU B 71 -26.69 -7.63 1.76
C LEU B 71 -26.87 -8.90 2.52
N GLU B 72 -25.90 -9.22 3.36
CA GLU B 72 -26.03 -10.30 4.35
C GLU B 72 -25.54 -9.79 5.60
N LEU B 73 -26.45 -9.35 6.45
CA LEU B 73 -26.08 -8.61 7.61
C LEU B 73 -25.46 -9.52 8.63
N GLN B 74 -24.45 -9.07 9.38
CA GLN B 74 -23.77 -9.88 10.35
C GLN B 74 -23.98 -9.29 11.66
N SER B 75 -24.34 -10.13 12.63
CA SER B 75 -24.73 -9.73 13.97
C SER B 75 -23.62 -9.75 14.97
N PHE B 76 -23.55 -8.74 15.84
CA PHE B 76 -22.63 -8.76 16.92
C PHE B 76 -23.24 -8.26 18.17
N ARG B 77 -22.83 -8.84 19.29
CA ARG B 77 -23.35 -8.38 20.57
C ARG B 77 -22.52 -7.28 21.06
N LEU B 78 -23.17 -6.24 21.61
CA LEU B 78 -22.43 -5.19 22.30
C LEU B 78 -21.67 -5.64 23.51
N ASP B 79 -22.13 -6.70 24.18
CA ASP B 79 -21.44 -7.24 25.35
C ASP B 79 -20.38 -8.33 25.01
N ASP B 80 -20.11 -8.51 23.74
CA ASP B 80 -19.02 -9.44 23.30
C ASP B 80 -17.61 -8.87 23.67
N GLU B 81 -16.97 -9.51 24.59
CA GLU B 81 -15.69 -9.02 25.11
C GLU B 81 -14.52 -9.14 24.04
N ASN B 82 -14.73 -9.80 22.92
CA ASN B 82 -13.72 -9.76 21.86
C ASN B 82 -13.67 -8.46 21.10
N TYR B 83 -14.75 -7.61 21.21
CA TYR B 83 -14.93 -6.46 20.34
C TYR B 83 -15.06 -5.17 21.11
N ASP B 84 -14.74 -4.07 20.44
CA ASP B 84 -14.82 -2.69 20.96
C ASP B 84 -15.68 -1.98 20.05
N PHE B 85 -16.74 -1.37 20.60
CA PHE B 85 -17.75 -0.69 19.79
C PHE B 85 -17.68 0.84 20.05
N GLU B 86 -16.61 1.29 20.69
CA GLU B 86 -16.49 2.70 21.12
C GLU B 86 -16.35 3.70 20.00
N ASP B 87 -15.83 3.28 18.86
CA ASP B 87 -15.81 4.11 17.66
C ASP B 87 -17.07 3.69 16.91
N PRO B 88 -18.07 4.58 16.88
CA PRO B 88 -19.41 4.16 16.35
C PRO B 88 -19.43 3.80 14.86
N ARG B 89 -18.36 4.13 14.11
CA ARG B 89 -18.19 3.73 12.74
C ARG B 89 -17.80 2.28 12.51
N MET B 90 -17.31 1.60 13.53
CA MET B 90 -16.63 0.34 13.34
C MET B 90 -16.86 -0.66 14.47
N ILE B 91 -16.79 -1.91 14.11
CA ILE B 91 -16.70 -2.99 15.09
C ILE B 91 -15.20 -3.43 15.06
N ARG B 92 -14.48 -3.26 16.16
CA ARG B 92 -13.06 -3.48 16.19
C ARG B 92 -12.75 -4.60 17.09
N SER B 93 -11.82 -5.41 16.67
CA SER B 93 -11.25 -6.35 17.61
C SER B 93 -10.51 -5.60 18.71
N LYS B 94 -10.70 -6.06 19.97
CA LYS B 94 -9.94 -5.41 21.05
C LYS B 94 -8.43 -5.52 20.87
N ALA B 95 -7.99 -6.53 20.17
CA ALA B 95 -6.57 -6.73 19.90
C ALA B 95 -6.08 -5.95 18.70
N LYS B 96 -6.95 -5.21 18.03
CA LYS B 96 -6.57 -4.45 16.85
C LYS B 96 -7.34 -3.17 16.72
N LEU B 97 -7.14 -2.31 17.68
CA LEU B 97 -7.83 -1.04 17.67
C LEU B 97 -7.39 -0.08 16.59
N GLU B 98 -6.23 -0.35 15.98
CA GLU B 98 -5.77 0.42 14.86
C GLU B 98 -6.50 0.12 13.57
N GLY B 99 -7.37 -0.93 13.55
CA GLY B 99 -8.13 -1.35 12.38
C GLY B 99 -9.61 -1.59 12.69
N PHE B 100 -10.23 -2.42 11.90
CA PHE B 100 -11.64 -2.80 12.12
C PHE B 100 -11.86 -4.14 11.53
N SER B 101 -12.82 -4.88 12.11
CA SER B 101 -13.33 -6.11 11.50
C SER B 101 -14.50 -5.81 10.59
N TYR B 102 -15.33 -4.85 10.99
CA TYR B 102 -16.49 -4.42 10.18
C TYR B 102 -16.72 -2.93 10.36
N LEU B 103 -17.47 -2.36 9.41
CA LEU B 103 -18.07 -1.05 9.53
C LEU B 103 -19.53 -1.22 10.02
N THR B 104 -20.02 -0.21 10.70
CA THR B 104 -21.44 -0.23 11.11
C THR B 104 -22.36 0.39 10.06
N SER B 105 -21.84 0.90 8.93
CA SER B 105 -22.62 1.51 7.87
C SER B 105 -22.11 0.97 6.58
N LEU B 106 -22.88 1.14 5.51
CA LEU B 106 -22.48 0.86 4.25
C LEU B 106 -22.71 2.07 3.35
N SER B 107 -21.70 2.45 2.57
CA SER B 107 -21.77 3.60 1.67
C SER B 107 -21.86 3.22 0.20
N TYR B 108 -22.51 4.09 -0.58
CA TYR B 108 -22.53 4.03 -2.01
C TYR B 108 -22.56 5.50 -2.50
N ILE B 109 -22.48 5.68 -3.79
CA ILE B 109 -22.40 6.99 -4.40
C ILE B 109 -23.77 7.27 -5.07
N ARG B 110 -24.29 8.49 -4.82
CA ARG B 110 -25.49 8.99 -5.54
C ARG B 110 -25.27 10.44 -5.93
N ILE B 111 -25.67 10.73 -7.14
CA ILE B 111 -25.44 12.05 -7.73
C ILE B 111 -26.55 13.00 -7.39
N ALA B 112 -26.16 14.20 -7.04
CA ALA B 112 -27.09 15.35 -7.01
C ALA B 112 -26.62 16.43 -7.99
N ARG B 113 -27.59 17.14 -8.62
CA ARG B 113 -27.28 18.03 -9.77
C ARG B 113 -27.92 19.42 -9.52
N SER B 114 -27.25 20.47 -9.98
CA SER B 114 -27.71 21.85 -9.74
C SER B 114 -27.40 22.68 -10.95
N LYS B 115 -28.33 23.54 -11.31
CA LYS B 115 -28.08 24.51 -12.36
C LYS B 115 -27.37 25.71 -11.78
N ASP B 116 -27.73 26.10 -10.58
CA ASP B 116 -27.21 27.32 -10.00
C ASP B 116 -26.01 27.14 -9.01
N GLY B 117 -25.66 25.90 -8.66
CA GLY B 117 -24.52 25.68 -7.77
C GLY B 117 -24.91 25.66 -6.32
N HIS B 118 -26.18 26.00 -6.03
CA HIS B 118 -26.62 26.18 -4.67
C HIS B 118 -27.76 25.23 -4.35
N HIS B 119 -28.69 25.01 -5.29
CA HIS B 119 -29.89 24.19 -5.10
C HIS B 119 -29.72 22.93 -5.86
N PHE B 120 -29.71 21.81 -5.11
CA PHE B 120 -29.45 20.47 -5.68
C PHE B 120 -30.67 19.53 -5.71
N THR B 121 -30.79 18.78 -6.78
CA THR B 121 -31.77 17.68 -6.90
C THR B 121 -31.06 16.31 -7.08
N LEU B 122 -31.43 15.31 -6.27
CA LEU B 122 -30.86 13.91 -6.40
C LEU B 122 -31.27 13.25 -7.68
N ASP B 123 -30.34 12.59 -8.35
CA ASP B 123 -30.73 11.58 -9.31
C ASP B 123 -31.62 10.57 -8.63
N GLU B 124 -32.49 9.97 -9.44
CA GLU B 124 -33.50 9.06 -8.90
C GLU B 124 -32.87 7.88 -8.13
N LYS B 125 -31.85 7.29 -8.77
CA LYS B 125 -31.22 6.05 -8.27
C LYS B 125 -29.74 6.27 -7.93
N PRO B 126 -29.12 5.31 -7.22
CA PRO B 126 -27.64 5.34 -7.02
C PRO B 126 -26.83 5.39 -8.30
N PHE B 127 -25.62 5.90 -8.25
CA PHE B 127 -24.76 5.95 -9.33
C PHE B 127 -23.78 4.79 -9.31
N LEU B 128 -23.11 4.61 -8.15
CA LEU B 128 -22.19 3.49 -7.94
C LEU B 128 -22.51 2.77 -6.68
N TYR B 129 -22.82 1.47 -6.79
CA TYR B 129 -23.18 0.67 -5.64
C TYR B 129 -22.28 -0.57 -5.66
N PRO B 130 -21.79 -1.02 -4.49
CA PRO B 130 -20.93 -2.22 -4.45
C PRO B 130 -21.28 -3.25 -5.50
N PHE B 131 -20.33 -3.58 -6.32
CA PHE B 131 -20.56 -4.56 -7.42
C PHE B 131 -19.50 -5.65 -7.51
N ASN B 132 -18.53 -5.72 -6.59
CA ASN B 132 -17.52 -6.84 -6.66
C ASN B 132 -17.01 -7.13 -5.26
N GLU B 133 -16.09 -8.10 -5.22
CA GLU B 133 -15.58 -8.61 -3.94
C GLU B 133 -14.62 -7.57 -3.19
N TYR B 134 -14.25 -6.51 -3.89
CA TYR B 134 -13.43 -5.40 -3.30
C TYR B 134 -14.28 -4.31 -2.62
N GLN B 135 -15.63 -4.43 -2.65
CA GLN B 135 -16.57 -3.38 -2.26
C GLN B 135 -17.62 -3.83 -1.33
N THR B 136 -17.40 -4.98 -0.66
CA THR B 136 -18.38 -5.53 0.19
C THR B 136 -18.75 -4.72 1.39
N PHE B 137 -17.84 -3.84 1.86
CA PHE B 137 -18.17 -2.96 2.97
C PHE B 137 -18.51 -1.50 2.49
N GLY B 138 -18.54 -1.29 1.19
CA GLY B 138 -18.93 -0.02 0.64
C GLY B 138 -18.01 0.57 -0.41
N ILE B 139 -18.58 1.56 -1.11
CA ILE B 139 -17.86 2.45 -2.04
C ILE B 139 -17.95 3.83 -1.34
N GLU B 140 -16.82 4.50 -1.18
CA GLU B 140 -16.70 5.73 -0.40
C GLU B 140 -15.91 6.78 -1.18
N ASP B 141 -16.31 8.02 -0.94
CA ASP B 141 -15.49 9.20 -1.19
C ASP B 141 -14.98 9.24 -2.61
N ALA B 142 -15.89 9.39 -3.55
CA ALA B 142 -15.54 9.37 -4.93
C ALA B 142 -14.97 10.75 -5.27
N ARG B 143 -13.90 10.76 -5.99
CA ARG B 143 -13.33 11.98 -6.59
C ARG B 143 -13.56 11.91 -8.09
N VAL B 144 -13.61 13.10 -8.72
CA VAL B 144 -13.76 13.18 -10.20
C VAL B 144 -12.80 14.10 -10.88
N THR B 145 -12.02 13.55 -11.78
CA THR B 145 -11.10 14.33 -12.63
C THR B 145 -11.58 14.24 -14.07
N GLN B 146 -11.88 15.42 -14.64
CA GLN B 146 -12.26 15.51 -16.10
C GLN B 146 -11.08 15.80 -16.94
N ILE B 147 -10.75 14.92 -17.85
CA ILE B 147 -9.69 15.17 -18.82
C ILE B 147 -10.35 15.12 -20.23
N GLY B 148 -10.39 16.31 -20.91
CA GLY B 148 -11.19 16.37 -22.17
C GLY B 148 -12.59 16.00 -21.90
N ASP B 149 -13.12 15.03 -22.65
CA ASP B 149 -14.45 14.56 -22.47
C ASP B 149 -14.62 13.37 -21.49
N THR B 150 -13.52 12.90 -20.92
CA THR B 150 -13.62 11.71 -20.05
C THR B 150 -13.57 12.11 -18.54
N TYR B 151 -14.59 11.64 -17.81
CA TYR B 151 -14.60 11.79 -16.38
C TYR B 151 -13.98 10.51 -15.75
N HIS B 152 -13.03 10.72 -14.85
CA HIS B 152 -12.36 9.65 -14.04
C HIS B 152 -12.91 9.70 -12.66
N VAL B 153 -13.75 8.72 -12.32
CA VAL B 153 -14.40 8.71 -11.06
C VAL B 153 -13.68 7.63 -10.20
N ASN B 154 -12.92 8.05 -9.19
CA ASN B 154 -12.15 7.09 -8.41
C ASN B 154 -12.57 7.15 -6.99
N PHE B 155 -12.45 6.02 -6.28
CA PHE B 155 -13.13 5.90 -5.02
C PHE B 155 -12.50 4.77 -4.14
N SER B 156 -12.84 4.82 -2.89
CA SER B 156 -12.37 3.82 -1.92
C SER B 156 -13.31 2.57 -2.10
N ALA B 157 -12.69 1.41 -2.23
CA ALA B 157 -13.34 0.10 -2.31
C ALA B 157 -12.97 -0.67 -1.06
N VAL B 158 -13.89 -0.82 -0.11
CA VAL B 158 -13.63 -1.34 1.17
C VAL B 158 -14.15 -2.81 1.20
N SER B 159 -13.27 -3.72 1.61
CA SER B 159 -13.69 -5.13 1.85
C SER B 159 -12.79 -5.78 2.88
N GLU B 160 -13.04 -7.07 3.13
CA GLU B 160 -12.09 -7.86 3.90
C GLU B 160 -10.70 -8.01 3.26
N PHE B 161 -10.53 -7.74 1.97
CA PHE B 161 -9.23 -7.75 1.43
C PHE B 161 -8.40 -6.42 1.66
N GLY B 162 -9.10 -5.39 2.08
CA GLY B 162 -8.47 -4.10 2.39
C GLY B 162 -9.21 -2.91 1.82
N VAL B 163 -8.64 -1.72 2.08
CA VAL B 163 -9.17 -0.48 1.51
C VAL B 163 -8.35 -0.12 0.29
N ALA B 164 -8.88 -0.39 -0.90
CA ALA B 164 -8.23 -0.08 -2.17
C ALA B 164 -8.86 1.14 -2.81
N ASP B 165 -8.24 1.63 -3.88
CA ASP B 165 -8.80 2.75 -4.62
C ASP B 165 -9.01 2.24 -6.04
N ALA B 166 -10.26 2.40 -6.52
CA ALA B 166 -10.67 1.85 -7.82
C ALA B 166 -11.21 2.97 -8.73
N LEU B 167 -11.29 2.69 -10.02
CA LEU B 167 -11.55 3.71 -11.05
C LEU B 167 -12.64 3.24 -11.99
N VAL B 168 -13.56 4.15 -12.27
CA VAL B 168 -14.57 3.98 -13.34
C VAL B 168 -14.42 5.21 -14.27
N THR B 169 -14.41 5.01 -15.57
CA THR B 169 -14.41 6.16 -16.49
C THR B 169 -15.76 6.23 -17.22
N THR B 170 -16.11 7.46 -17.63
CA THR B 170 -17.39 7.70 -18.32
C THR B 170 -17.31 9.06 -19.07
N LYS B 171 -18.05 9.14 -20.19
CA LYS B 171 -18.18 10.47 -20.87
C LYS B 171 -19.55 11.07 -20.63
N ASP B 172 -20.45 10.33 -19.99
CA ASP B 172 -21.83 10.85 -19.78
C ASP B 172 -22.50 10.50 -18.47
N PHE B 173 -21.78 9.82 -17.55
CA PHE B 173 -22.38 9.46 -16.26
C PHE B 173 -23.49 8.41 -16.39
N GLU B 174 -23.47 7.67 -17.51
CA GLU B 174 -24.49 6.65 -17.80
C GLU B 174 -23.88 5.35 -18.20
N ASN B 175 -22.94 5.40 -19.14
CA ASN B 175 -22.13 4.29 -19.54
C ASN B 175 -20.73 4.41 -18.90
N LEU B 176 -20.51 3.50 -18.00
CA LEU B 176 -19.38 3.45 -17.08
C LEU B 176 -18.50 2.28 -17.46
N GLU B 177 -17.19 2.46 -17.52
CA GLU B 177 -16.23 1.38 -17.79
C GLU B 177 -15.39 1.25 -16.51
N TYR B 178 -15.37 0.03 -15.98
CA TYR B 178 -14.62 -0.29 -14.76
C TYR B 178 -13.18 -0.49 -15.13
N GLN B 179 -12.25 0.15 -14.44
CA GLN B 179 -10.83 0.08 -14.76
C GLN B 179 -10.01 -0.61 -13.65
N GLY B 180 -10.69 -1.21 -12.67
CA GLY B 180 -9.95 -2.04 -11.66
C GLY B 180 -9.45 -1.19 -10.51
N ASN B 181 -8.75 -1.82 -9.59
CA ASN B 181 -8.15 -1.13 -8.48
C ASN B 181 -6.82 -0.52 -8.99
N ILE B 182 -6.86 0.82 -9.13
CA ILE B 182 -5.72 1.58 -9.55
C ILE B 182 -4.64 1.69 -8.50
N PHE B 183 -5.02 1.72 -7.23
CA PHE B 183 -4.05 1.65 -6.10
C PHE B 183 -4.39 0.49 -5.18
N ALA B 184 -3.40 -0.29 -4.89
CA ALA B 184 -3.53 -1.42 -3.93
C ALA B 184 -3.87 -0.92 -2.58
N PRO B 185 -4.51 -1.78 -1.76
CA PRO B 185 -4.66 -1.40 -0.41
C PRO B 185 -3.32 -1.30 0.26
N GLU B 186 -3.18 -0.45 1.28
CA GLU B 186 -4.22 0.32 1.92
C GLU B 186 -4.01 1.81 1.47
N ASN B 187 -4.98 2.35 0.78
CA ASN B 187 -4.85 3.71 0.12
C ASN B 187 -6.19 4.35 -0.04
N LYS B 188 -6.22 5.69 -0.08
CA LYS B 188 -7.39 6.44 -0.42
C LYS B 188 -6.96 7.90 -0.71
N ASP B 189 -7.90 8.78 -0.83
CA ASP B 189 -7.60 10.25 -1.11
C ASP B 189 -6.73 10.35 -2.38
N VAL B 190 -7.10 9.62 -3.41
CA VAL B 190 -6.48 9.61 -4.65
C VAL B 190 -7.09 10.74 -5.55
N LEU B 191 -6.24 11.60 -6.06
CA LEU B 191 -6.65 12.76 -6.92
C LEU B 191 -5.79 12.75 -8.15
N ILE B 192 -6.45 12.46 -9.27
CA ILE B 192 -5.82 12.44 -10.57
C ILE B 192 -5.61 13.92 -11.09
N PHE B 193 -4.39 14.24 -11.46
CA PHE B 193 -4.08 15.56 -12.03
C PHE B 193 -4.83 15.66 -13.41
N PRO B 194 -5.37 16.87 -13.71
CA PRO B 194 -6.33 17.02 -14.80
C PRO B 194 -5.73 17.14 -16.23
N GLU B 195 -4.42 16.95 -16.35
CA GLU B 195 -3.70 17.05 -17.65
C GLU B 195 -2.54 16.10 -17.59
N LYS B 196 -2.13 15.64 -18.75
CA LYS B 196 -0.84 15.02 -18.92
C LYS B 196 0.20 16.11 -18.73
N ILE B 197 1.27 15.82 -17.99
CA ILE B 197 2.25 16.78 -17.58
C ILE B 197 3.63 16.30 -18.04
N ASN B 198 4.16 16.94 -19.10
CA ASN B 198 5.47 16.56 -19.62
C ASN B 198 5.63 15.10 -19.88
N GLY B 199 4.64 14.52 -20.53
CA GLY B 199 4.71 13.16 -21.01
C GLY B 199 4.10 12.11 -20.07
N LYS B 200 3.67 12.53 -18.86
CA LYS B 200 3.11 11.54 -17.83
C LYS B 200 1.87 12.08 -17.17
N TYR B 201 0.94 11.19 -16.83
CA TYR B 201 -0.14 11.56 -15.98
C TYR B 201 0.34 11.41 -14.53
N TYR B 202 -0.40 12.00 -13.62
CA TYR B 202 -0.02 11.98 -12.19
C TYR B 202 -1.25 11.85 -11.34
N ALA B 203 -1.04 11.22 -10.16
CA ALA B 203 -2.09 11.18 -9.17
C ALA B 203 -1.55 11.33 -7.76
N LEU B 204 -2.21 12.16 -6.96
CA LEU B 204 -1.90 12.18 -5.54
C LEU B 204 -2.51 10.84 -4.91
N HIS B 205 -1.91 10.37 -3.81
CA HIS B 205 -2.48 9.26 -3.10
C HIS B 205 -2.10 9.36 -1.66
N ARG B 206 -2.39 8.35 -0.84
CA ARG B 206 -2.23 8.52 0.59
C ARG B 206 -2.20 7.10 1.26
N PRO B 207 -1.09 6.45 1.11
CA PRO B 207 -0.90 5.13 1.77
C PRO B 207 -1.12 5.20 3.24
N SER B 208 -1.90 4.24 3.77
CA SER B 208 -2.10 4.06 5.18
C SER B 208 -1.23 2.87 5.59
N LEU B 209 -0.39 3.04 6.58
CA LEU B 209 0.74 2.17 6.82
C LEU B 209 0.76 1.52 8.18
N LYS B 210 0.81 0.16 8.13
CA LYS B 210 0.81 -0.61 9.38
C LYS B 210 2.07 -0.49 10.22
N SER B 211 3.22 -0.64 9.59
CA SER B 211 4.45 -0.88 10.34
C SER B 211 5.24 0.40 10.70
N ILE B 212 5.49 1.23 9.71
CA ILE B 212 6.24 2.46 9.89
C ILE B 212 5.72 3.41 8.80
N GLY B 213 5.73 4.71 9.12
CA GLY B 213 5.23 5.75 8.17
C GLY B 213 4.04 6.42 8.70
N ASN B 214 3.93 7.73 8.47
CA ASN B 214 2.70 8.46 8.90
C ASN B 214 1.70 8.50 7.80
N LEU B 215 0.53 9.07 8.06
CA LEU B 215 -0.51 9.19 7.10
C LEU B 215 -0.22 10.43 6.20
N ASP B 216 0.67 10.24 5.25
CA ASP B 216 1.21 11.27 4.38
C ASP B 216 0.78 11.16 2.93
N ILE B 217 0.69 12.31 2.25
CA ILE B 217 0.35 12.35 0.82
C ILE B 217 1.56 11.96 0.01
N TRP B 218 1.33 11.06 -0.93
CA TRP B 218 2.30 10.60 -1.91
C TRP B 218 1.87 11.03 -3.30
N ILE B 219 2.71 10.82 -4.27
CA ILE B 219 2.36 11.02 -5.64
C ILE B 219 2.87 9.85 -6.52
N ALA B 220 2.23 9.62 -7.63
CA ALA B 220 2.67 8.55 -8.58
C ALA B 220 2.43 9.05 -9.96
N SER B 221 3.21 8.52 -10.90
CA SER B 221 2.99 8.78 -12.32
C SER B 221 2.38 7.67 -13.03
N SER B 222 1.89 7.90 -14.24
CA SER B 222 1.19 6.83 -14.99
C SER B 222 1.31 7.18 -16.52
N PRO B 223 1.42 6.16 -17.37
CA PRO B 223 1.32 6.41 -18.81
C PRO B 223 -0.04 6.45 -19.34
N ASP B 224 -1.03 5.93 -18.61
CA ASP B 224 -2.34 5.66 -19.21
C ASP B 224 -3.50 5.85 -18.26
N LEU B 225 -3.24 6.31 -17.01
CA LEU B 225 -4.33 6.36 -15.99
C LEU B 225 -5.00 5.03 -15.72
N ARG B 226 -4.24 3.96 -15.89
CA ARG B 226 -4.65 2.62 -15.45
C ARG B 226 -3.58 1.95 -14.52
N SER B 227 -2.32 2.11 -14.83
CA SER B 227 -1.20 1.65 -14.05
C SER B 227 -0.39 2.86 -13.52
N PHE B 228 0.12 2.74 -12.30
CA PHE B 228 0.84 3.84 -11.62
C PHE B 228 2.15 3.33 -11.06
N GLY B 229 3.17 4.20 -10.99
CA GLY B 229 4.46 3.86 -10.50
C GLY B 229 5.22 5.06 -10.10
N ASP B 230 6.51 4.88 -9.97
CA ASP B 230 7.46 5.88 -9.46
C ASP B 230 6.87 6.64 -8.24
N HIS B 231 6.41 5.83 -7.27
CA HIS B 231 5.81 6.40 -6.12
C HIS B 231 6.79 7.22 -5.31
N ARG B 232 6.32 8.42 -4.89
CA ARG B 232 7.16 9.34 -4.10
C ARG B 232 6.38 9.96 -2.99
N HIS B 233 7.05 10.18 -1.89
CA HIS B 233 6.51 10.90 -0.76
C HIS B 233 6.43 12.40 -1.14
N LEU B 234 5.35 13.06 -0.76
CA LEU B 234 5.09 14.46 -1.20
C LEU B 234 4.86 15.43 -0.05
N LEU B 235 3.84 15.20 0.75
CA LEU B 235 3.52 16.10 1.87
C LEU B 235 3.37 15.30 3.12
N GLY B 236 4.16 15.59 4.14
CA GLY B 236 4.15 14.84 5.42
C GLY B 236 3.43 15.56 6.48
N ILE B 237 3.03 14.81 7.47
CA ILE B 237 2.42 15.47 8.62
C ILE B 237 3.43 16.49 9.29
N ARG B 238 2.91 17.38 10.10
CA ARG B 238 3.75 18.40 10.82
C ARG B 238 3.37 18.55 12.26
N PRO B 239 4.22 18.09 13.15
CA PRO B 239 3.92 18.16 14.55
C PRO B 239 3.65 19.58 15.03
N GLY B 240 2.62 19.70 15.84
CA GLY B 240 2.21 21.01 16.32
C GLY B 240 1.41 21.88 15.39
N GLU B 241 1.08 21.41 14.18
CA GLU B 241 0.40 22.23 13.18
C GLU B 241 -0.98 21.66 12.98
N TYR B 242 -1.76 22.33 12.17
CA TYR B 242 -3.16 21.87 11.95
C TYR B 242 -3.19 20.44 11.30
N ASP B 243 -2.03 20.05 10.73
CA ASP B 243 -1.89 18.76 10.04
C ASP B 243 -0.90 17.85 10.72
N SER B 244 -0.90 17.88 12.05
CA SER B 244 -0.04 17.05 12.86
C SER B 244 -0.45 15.55 12.86
N GLY B 245 -1.70 15.25 12.61
CA GLY B 245 -2.22 13.89 12.68
C GLY B 245 -2.27 13.12 11.37
N ARG B 246 -2.71 13.76 10.30
CA ARG B 246 -2.75 13.19 8.97
C ARG B 246 -2.96 14.24 7.94
N VAL B 247 -2.56 13.93 6.71
CA VAL B 247 -2.89 14.68 5.56
C VAL B 247 -3.46 13.82 4.46
N GLY B 248 -4.28 14.40 3.59
CA GLY B 248 -4.70 13.69 2.38
C GLY B 248 -5.19 14.67 1.34
N GLY B 249 -5.04 14.28 0.09
CA GLY B 249 -5.62 15.01 -1.04
C GLY B 249 -7.09 15.31 -0.87
N GLY B 250 -7.51 16.50 -1.35
CA GLY B 250 -8.84 16.98 -1.19
C GLY B 250 -9.47 17.14 -2.52
N CYS B 251 -9.21 18.33 -3.07
CA CYS B 251 -9.65 18.63 -4.44
C CYS B 251 -8.73 18.23 -5.52
N VAL B 252 -9.22 18.18 -6.73
CA VAL B 252 -8.35 17.90 -7.91
C VAL B 252 -7.32 19.06 -8.01
N PRO B 253 -6.07 18.76 -8.31
CA PRO B 253 -5.03 19.81 -8.50
C PRO B 253 -5.51 20.91 -9.48
N ILE B 254 -5.19 22.16 -9.12
CA ILE B 254 -5.70 23.32 -9.97
C ILE B 254 -4.48 23.94 -10.63
N LYS B 255 -4.49 24.01 -11.95
CA LYS B 255 -3.33 24.64 -12.68
C LYS B 255 -3.38 26.17 -12.49
N THR B 256 -2.32 26.73 -12.00
CA THR B 256 -2.11 28.17 -11.93
C THR B 256 -0.82 28.51 -12.58
N GLU B 257 -0.54 29.81 -12.75
CA GLU B 257 0.75 30.20 -13.33
C GLU B 257 1.88 29.91 -12.47
N GLU B 258 1.59 29.86 -11.16
CA GLU B 258 2.61 29.72 -10.17
C GLU B 258 2.97 28.17 -9.89
N GLY B 259 2.15 27.28 -10.45
CA GLY B 259 2.30 25.83 -10.14
C GLY B 259 0.95 25.17 -9.96
N TRP B 260 1.00 23.87 -9.62
CA TRP B 260 -0.21 23.13 -9.24
C TRP B 260 -0.65 23.46 -7.82
N LEU B 261 -1.91 23.90 -7.72
CA LEU B 261 -2.42 24.32 -6.44
C LEU B 261 -3.27 23.10 -5.88
N ILE B 262 -2.82 22.64 -4.74
CA ILE B 262 -3.36 21.42 -4.04
C ILE B 262 -4.07 21.87 -2.82
N LEU B 263 -5.39 21.73 -2.81
CA LEU B 263 -6.22 22.06 -1.68
C LEU B 263 -6.44 20.64 -0.97
N TYR B 264 -5.75 20.49 0.13
CA TYR B 264 -5.66 19.16 0.83
C TYR B 264 -6.30 19.28 2.22
N HIS B 265 -6.69 18.15 2.81
CA HIS B 265 -7.14 18.18 4.14
C HIS B 265 -6.13 17.76 5.12
N GLY B 266 -6.20 18.36 6.30
CA GLY B 266 -5.34 18.07 7.40
C GLY B 266 -6.13 17.91 8.68
N ALA B 267 -5.69 17.02 9.53
CA ALA B 267 -6.28 16.84 10.84
C ALA B 267 -5.22 16.72 11.89
N THR B 268 -5.57 17.19 13.11
CA THR B 268 -4.75 17.00 14.27
C THR B 268 -5.06 15.61 14.79
N GLU B 269 -4.26 15.21 15.79
CA GLU B 269 -4.43 13.99 16.58
C GLU B 269 -5.76 14.10 17.32
N GLU B 270 -6.24 15.33 17.61
CA GLU B 270 -7.57 15.53 18.24
C GLU B 270 -8.71 15.52 17.17
N ASN B 271 -8.46 15.10 15.94
CA ASN B 271 -9.50 14.92 14.91
C ASN B 271 -10.28 16.14 14.47
N ARG B 272 -9.68 17.31 14.57
CA ARG B 272 -10.21 18.47 13.88
C ARG B 272 -9.64 18.49 12.47
N TYR B 273 -10.50 18.57 11.49
CA TYR B 273 -10.13 18.55 10.12
C TYR B 273 -10.31 19.96 9.52
N VAL B 274 -9.27 20.39 8.82
CA VAL B 274 -9.27 21.67 8.07
C VAL B 274 -8.78 21.44 6.66
N MET B 275 -8.99 22.43 5.80
CA MET B 275 -8.29 22.52 4.53
C MET B 275 -7.06 23.41 4.55
N GLY B 276 -5.97 22.96 3.96
CA GLY B 276 -4.81 23.73 3.63
C GLY B 276 -4.48 23.72 2.22
N ALA B 277 -3.30 24.30 1.90
CA ALA B 277 -2.86 24.37 0.53
C ALA B 277 -1.40 24.13 0.36
N ALA B 278 -1.09 23.58 -0.80
CA ALA B 278 0.31 23.47 -1.15
C ALA B 278 0.40 23.84 -2.59
N LEU B 279 1.64 24.22 -3.01
CA LEU B 279 1.85 24.53 -4.42
C LEU B 279 3.02 23.66 -4.92
N LEU B 280 2.80 23.02 -6.04
CA LEU B 280 3.79 22.14 -6.61
C LEU B 280 4.31 22.81 -7.91
N ASP B 281 5.53 22.47 -8.22
CA ASP B 281 6.13 22.82 -9.53
C ASP B 281 5.27 22.40 -10.66
N LEU B 282 5.11 23.34 -11.57
CA LEU B 282 4.25 23.09 -12.70
C LEU B 282 4.61 22.01 -13.70
N ASN B 283 5.92 21.87 -13.88
CA ASN B 283 6.49 20.91 -14.81
C ASN B 283 6.85 19.57 -14.18
N ASP B 284 7.16 19.60 -12.90
CA ASP B 284 7.44 18.37 -12.16
C ASP B 284 6.68 18.45 -10.85
N PRO B 285 5.42 17.95 -10.80
CA PRO B 285 4.61 18.08 -9.61
C PRO B 285 5.09 17.25 -8.43
N THR B 286 6.18 16.47 -8.58
CA THR B 286 6.82 15.93 -7.42
C THR B 286 7.55 16.92 -6.58
N ILE B 287 7.72 18.17 -7.04
CA ILE B 287 8.42 19.11 -6.26
C ILE B 287 7.45 20.07 -5.55
N VAL B 288 7.59 20.17 -4.24
CA VAL B 288 6.74 21.05 -3.47
C VAL B 288 7.45 22.45 -3.37
N LEU B 289 6.76 23.49 -3.81
CA LEU B 289 7.29 24.93 -3.74
C LEU B 289 6.87 25.69 -2.51
N LYS B 290 5.62 25.53 -2.04
CA LYS B 290 5.13 26.23 -0.90
C LYS B 290 3.98 25.43 -0.25
N ARG B 291 3.79 25.75 1.01
CA ARG B 291 2.69 25.15 1.82
C ARG B 291 2.24 26.09 2.87
N THR B 292 0.92 26.15 3.06
CA THR B 292 0.38 27.00 4.11
C THR B 292 0.81 26.63 5.47
N LYS B 293 0.97 27.62 6.36
CA LYS B 293 1.11 27.39 7.80
C LYS B 293 -0.17 27.49 8.61
N THR B 294 -1.18 28.12 8.04
CA THR B 294 -2.51 28.16 8.64
C THR B 294 -3.49 27.67 7.64
N PRO B 295 -4.68 27.29 8.12
CA PRO B 295 -5.65 26.79 7.11
C PRO B 295 -6.22 27.77 6.13
N ILE B 296 -6.78 27.27 5.06
CA ILE B 296 -7.62 28.03 4.13
C ILE B 296 -9.06 27.96 4.46
N LEU B 297 -9.47 26.87 5.07
CA LEU B 297 -10.93 26.63 5.44
C LEU B 297 -10.93 25.81 6.72
N GLU B 298 -11.69 26.22 7.70
CA GLU B 298 -11.68 25.60 9.03
C GLU B 298 -13.13 25.51 9.48
N PRO B 299 -13.44 24.64 10.45
CA PRO B 299 -14.83 24.48 10.89
C PRO B 299 -15.18 25.57 11.93
N VAL B 300 -16.06 26.45 11.51
CA VAL B 300 -16.44 27.58 12.43
C VAL B 300 -17.95 27.75 12.40
N ALA B 301 -18.64 27.57 11.29
CA ALA B 301 -20.10 27.65 11.29
C ALA B 301 -20.69 26.51 12.11
N ASP B 302 -21.88 26.72 12.66
CA ASP B 302 -22.51 25.62 13.42
C ASP B 302 -22.58 24.22 12.68
N TYR B 303 -22.96 24.20 11.43
CA TYR B 303 -23.12 22.97 10.63
C TYR B 303 -21.73 22.28 10.36
N GLU B 304 -20.61 23.00 10.65
CA GLU B 304 -19.21 22.48 10.40
C GLU B 304 -18.72 21.89 11.67
N LYS B 305 -19.36 22.17 12.78
CA LYS B 305 -18.88 21.70 14.03
C LYS B 305 -19.70 20.43 14.47
N ASN B 306 -19.11 19.75 15.44
CA ASN B 306 -19.68 18.56 16.05
C ASN B 306 -19.88 17.36 15.15
N GLY B 307 -18.79 16.96 14.44
CA GLY B 307 -18.61 15.54 13.95
C GLY B 307 -18.57 14.58 15.11
N PHE B 308 -18.48 13.27 14.92
CA PHE B 308 -18.47 12.49 16.20
C PHE B 308 -17.19 12.73 17.02
N PHE B 309 -16.09 12.92 16.33
CA PHE B 309 -14.81 13.11 17.06
C PHE B 309 -14.31 14.54 17.13
N GLY B 310 -14.80 15.43 16.27
CA GLY B 310 -14.36 16.80 16.29
C GLY B 310 -15.04 17.57 15.18
N ASP B 311 -14.60 18.81 15.07
CA ASP B 311 -15.16 19.61 13.98
C ASP B 311 -14.47 19.24 12.64
N VAL B 312 -15.23 19.18 11.57
CA VAL B 312 -14.72 18.71 10.27
C VAL B 312 -15.25 19.52 9.08
N VAL B 313 -14.31 20.04 8.26
CA VAL B 313 -14.56 20.32 6.89
C VAL B 313 -13.73 19.46 6.01
N PHE B 314 -14.30 18.94 4.95
CA PHE B 314 -13.63 17.94 4.14
C PHE B 314 -13.95 18.08 2.69
N ALA B 315 -13.15 18.90 2.00
CA ALA B 315 -13.48 19.23 0.62
C ALA B 315 -12.94 18.24 -0.35
N CYS B 316 -13.82 17.63 -1.13
CA CYS B 316 -13.49 16.59 -2.11
C CYS B 316 -13.62 17.03 -3.53
N GLY B 317 -13.94 18.34 -3.75
CA GLY B 317 -13.85 18.85 -5.05
C GLY B 317 -14.29 20.36 -5.14
N ALA B 318 -13.99 20.96 -6.27
CA ALA B 318 -14.32 22.39 -6.53
C ALA B 318 -14.39 22.64 -8.02
N ILE B 319 -15.12 23.70 -8.39
CA ILE B 319 -15.27 24.13 -9.77
C ILE B 319 -14.67 25.53 -9.86
N GLN B 320 -13.75 25.69 -10.79
CA GLN B 320 -13.05 26.94 -11.04
C GLN B 320 -13.91 27.76 -12.09
N GLU B 321 -14.11 29.05 -11.80
CA GLU B 321 -14.77 29.99 -12.74
C GLU B 321 -13.88 31.22 -12.64
N GLY B 322 -12.87 31.31 -13.47
CA GLY B 322 -11.94 32.43 -13.37
C GLY B 322 -11.08 32.32 -12.14
N ASP B 323 -11.02 33.38 -11.38
CA ASP B 323 -10.35 33.42 -10.15
C ASP B 323 -11.18 32.77 -8.99
N THR B 324 -12.46 32.52 -9.21
CA THR B 324 -13.36 32.03 -8.17
C THR B 324 -13.32 30.51 -8.19
N LEU B 325 -13.25 29.94 -7.00
CA LEU B 325 -13.42 28.47 -6.80
C LEU B 325 -14.71 28.28 -6.02
N HIS B 326 -15.62 27.52 -6.59
CA HIS B 326 -16.87 27.10 -5.95
C HIS B 326 -16.45 25.73 -5.27
N MET B 327 -16.15 25.77 -3.98
CA MET B 327 -15.67 24.58 -3.28
C MET B 327 -16.89 23.92 -2.58
N TYR B 328 -17.02 22.60 -2.74
CA TYR B 328 -18.02 21.82 -2.00
C TYR B 328 -17.31 20.90 -1.02
N TYR B 329 -17.86 20.82 0.17
CA TYR B 329 -17.22 20.11 1.22
C TYR B 329 -18.16 19.37 2.18
N GLY B 330 -17.71 18.15 2.62
CA GLY B 330 -18.35 17.52 3.70
C GLY B 330 -18.19 18.20 5.01
N VAL B 331 -19.29 18.25 5.75
CA VAL B 331 -19.28 18.77 7.03
C VAL B 331 -19.80 17.79 8.08
N ALA B 332 -19.05 17.77 9.17
CA ALA B 332 -19.32 17.03 10.35
C ALA B 332 -19.67 15.59 10.10
N ASP B 333 -19.13 15.01 9.05
CA ASP B 333 -19.29 13.62 8.73
C ASP B 333 -20.71 13.28 8.26
N THR B 334 -21.57 14.28 7.96
CA THR B 334 -22.99 14.00 7.70
C THR B 334 -23.59 14.65 6.50
N SER B 335 -23.07 15.84 6.13
CA SER B 335 -23.79 16.71 5.21
C SER B 335 -22.81 17.41 4.23
N MET B 336 -23.38 18.09 3.27
CA MET B 336 -22.63 18.92 2.29
C MET B 336 -22.86 20.42 2.48
N ALA B 337 -21.79 21.17 2.22
CA ALA B 337 -21.77 22.65 2.21
C ALA B 337 -21.00 23.13 1.03
N GLY B 338 -21.25 24.42 0.68
CA GLY B 338 -20.57 25.04 -0.45
C GLY B 338 -20.00 26.40 0.06
N CYS B 339 -18.90 26.80 -0.59
CA CYS B 339 -18.32 28.12 -0.35
C CYS B 339 -17.60 28.57 -1.56
N ASP B 340 -17.45 29.91 -1.65
CA ASP B 340 -16.60 30.50 -2.69
C ASP B 340 -15.40 31.13 -2.06
N MET B 341 -14.28 30.98 -2.76
CA MET B 341 -13.10 31.75 -2.39
C MET B 341 -12.32 32.08 -3.69
N LYS B 342 -11.33 32.94 -3.51
CA LYS B 342 -10.46 33.28 -4.63
C LYS B 342 -9.15 32.54 -4.66
N ILE B 343 -8.83 32.03 -5.83
CA ILE B 343 -7.54 31.39 -6.04
C ILE B 343 -6.38 32.31 -5.77
N SER B 344 -6.54 33.58 -6.19
CA SER B 344 -5.49 34.57 -5.90
C SER B 344 -5.27 34.75 -4.45
N GLU B 345 -6.30 34.66 -3.59
CA GLU B 345 -6.04 34.77 -2.17
C GLU B 345 -5.30 33.58 -1.60
N ILE B 346 -5.65 32.40 -2.11
CA ILE B 346 -4.92 31.20 -1.61
C ILE B 346 -3.43 31.29 -2.01
N LEU B 347 -3.19 31.72 -3.29
CA LEU B 347 -1.78 31.88 -3.73
C LEU B 347 -1.09 32.90 -2.92
N HIS B 348 -1.83 33.97 -2.62
CA HIS B 348 -1.25 35.01 -1.75
C HIS B 348 -0.93 34.51 -0.34
N GLN B 349 -1.82 33.72 0.29
CA GLN B 349 -1.47 33.18 1.58
C GLN B 349 -0.26 32.25 1.51
N LEU B 350 -0.21 31.46 0.44
CA LEU B 350 0.95 30.55 0.26
C LEU B 350 2.25 31.35 0.26
N GLU B 351 2.21 32.44 -0.48
CA GLU B 351 3.43 33.30 -0.60
C GLU B 351 3.83 33.84 0.75
N VAL B 352 2.86 34.45 1.44
CA VAL B 352 3.10 35.10 2.66
C VAL B 352 3.54 34.19 3.75
N GLU B 353 2.93 32.98 3.84
CA GLU B 353 3.27 32.11 4.95
C GLU B 353 4.53 31.29 4.62
N ALA B 354 4.84 31.12 3.33
CA ALA B 354 6.03 30.35 2.96
C ALA B 354 7.25 31.20 3.32
N LYS B 355 7.17 32.51 3.11
CA LYS B 355 8.10 33.41 3.74
C LYS B 355 8.03 33.35 5.32
S SO4 C . 7.25 -11.85 4.75
O1 SO4 C . 8.03 -11.29 3.56
O2 SO4 C . 8.15 -12.50 5.79
O3 SO4 C . 6.11 -12.77 4.24
O4 SO4 C . 6.62 -10.67 5.58
S SO4 D . 35.29 -9.77 2.31
O1 SO4 D . 35.71 -8.34 2.39
O2 SO4 D . 36.25 -10.59 3.15
O3 SO4 D . 33.88 -9.94 2.88
O4 SO4 D . 35.21 -10.26 0.89
S SO4 E . 13.68 3.25 -18.78
O1 SO4 E . 13.43 4.19 -19.95
O2 SO4 E . 14.87 3.72 -17.99
O3 SO4 E . 12.33 3.16 -18.03
O4 SO4 E . 14.06 1.94 -19.37
C1 GOL F . 11.39 -4.54 7.22
O1 GOL F . 11.29 -5.01 5.91
C2 GOL F . 11.54 -5.62 8.29
O2 GOL F . 10.42 -6.49 8.20
C3 GOL F . 12.74 -6.51 8.08
O3 GOL F . 14.10 -5.91 8.28
C1 GOL G . 11.65 -13.57 8.32
O1 GOL G . 12.32 -12.52 8.96
C2 GOL G . 11.29 -13.31 6.89
O2 GOL G . 10.78 -11.97 6.64
C3 GOL G . 12.49 -13.72 6.00
O3 GOL G . 13.61 -13.10 6.22
C1 GOL H . -8.58 -17.84 -2.43
O1 GOL H . -8.99 -16.98 -1.38
C2 GOL H . -7.06 -18.10 -2.29
O2 GOL H . -6.55 -18.14 -0.93
C3 GOL H . -6.58 -19.16 -3.34
O3 GOL H . -5.78 -20.28 -2.78
O1 MES I . 29.00 2.34 1.74
C2 MES I . 30.13 1.50 2.20
C3 MES I . 30.04 1.50 3.74
N4 MES I . 30.45 2.83 4.14
C5 MES I . 29.29 3.65 3.73
C6 MES I . 29.23 3.71 2.19
C7 MES I . 30.65 2.93 5.59
C8 MES I . 32.06 2.55 6.00
S MES I . 32.44 3.11 7.57
O1S MES I . 32.88 4.58 7.25
O2S MES I . 33.55 2.26 8.27
O3S MES I . 31.37 3.15 8.69
O1 MES J . 10.74 -4.82 -20.74
C2 MES J . 11.19 -6.21 -20.61
C3 MES J . 12.67 -6.22 -21.06
N4 MES J . 12.70 -5.73 -22.51
C5 MES J . 12.10 -4.34 -22.61
C6 MES J . 10.70 -4.40 -22.14
C7 MES J . 14.12 -5.64 -22.91
C8 MES J . 14.51 -7.00 -23.40
S MES J . 16.04 -6.95 -24.02
O1S MES J . 16.03 -5.95 -25.15
O2S MES J . 17.15 -6.34 -23.19
O3S MES J . 16.48 -8.35 -24.38
S SO4 K . -8.41 10.73 5.78
O1 SO4 K . -7.95 9.46 6.53
O2 SO4 K . -7.18 11.61 5.77
O3 SO4 K . -9.50 11.38 6.51
O4 SO4 K . -8.85 10.46 4.38
S SO4 L . -9.45 6.23 10.40
O1 SO4 L . -10.25 7.47 10.19
O2 SO4 L . -8.02 6.48 9.98
O3 SO4 L . -9.67 5.83 11.87
O4 SO4 L . -9.97 5.13 9.51
S SO4 M . -35.24 10.15 -2.53
O1 SO4 M . -34.97 10.87 -3.82
O2 SO4 M . -34.06 10.33 -1.61
O3 SO4 M . -36.39 10.73 -1.74
O4 SO4 M . -35.64 8.78 -2.96
S SO4 N . -9.70 1.28 -21.45
O1 SO4 N . -8.96 1.30 -22.91
O2 SO4 N . -8.57 1.15 -20.42
O3 SO4 N . -10.55 2.60 -21.38
O4 SO4 N . -10.88 0.29 -21.40
C1 GOL O . -12.79 4.46 6.99
O1 GOL O . -11.46 3.93 6.89
C2 GOL O . -13.84 3.45 6.62
O2 GOL O . -15.27 3.90 6.28
C3 GOL O . -13.01 2.84 5.50
O3 GOL O . -12.57 3.82 4.61
O1 MES P . -29.44 -0.92 -5.05
C2 MES P . -28.84 -1.86 -4.13
C3 MES P . -29.78 -2.81 -3.59
N4 MES P . -30.82 -2.17 -2.82
C5 MES P . -31.59 -1.33 -3.77
C6 MES P . -30.68 -0.31 -4.46
C7 MES P . -31.66 -3.19 -2.25
C8 MES P . -32.85 -2.69 -1.52
S MES P . -33.59 -3.63 -0.40
O1S MES P . -33.15 -3.61 1.05
O2S MES P . -33.48 -5.06 -0.85
O3S MES P . -35.08 -3.29 -0.24
O1 MES Q . -6.69 9.47 -20.72
C2 MES Q . -7.02 10.86 -20.51
C3 MES Q . -8.31 11.16 -21.23
N4 MES Q . -8.11 10.87 -22.67
C5 MES Q . -7.67 9.46 -22.89
C6 MES Q . -6.37 9.24 -22.15
C7 MES Q . -9.45 10.92 -23.31
C8 MES Q . -9.81 12.37 -23.60
S MES Q . -11.19 12.48 -24.60
O1S MES Q . -11.49 13.93 -24.71
O2S MES Q . -10.86 11.90 -25.93
O3S MES Q . -12.51 11.90 -24.07
#